data_7R27
#
_entry.id   7R27
#
_cell.length_a   68.522
_cell.length_b   53.573
_cell.length_c   102.072
_cell.angle_alpha   90.000
_cell.angle_beta   96.780
_cell.angle_gamma   90.000
#
_symmetry.space_group_name_H-M   'P 1 21 1'
#
loop_
_entity.id
_entity.type
_entity.pdbx_description
1 polymer 'D-alanine--D-alanyl carrier protein ligase'
2 non-polymer D-ALANINE
3 non-polymer 'ADENOSINE MONOPHOSPHATE'
4 water water
#
_entity_poly.entity_id   1
_entity_poly.type   'polypeptide(L)'
_entity_poly.pdbx_seq_one_letter_code
;MIKNIITTIDDYARTQPNNVVYDVQGVTHTYAELKAYSDALAAHLDTLDLPAKDPIIVFGGQTFEMIATFLGVVKSGRAY
IPIDTHSPNERLTMINEIAKPAAVIAVADLPTGVGTTPVITPDQLAAIFATPVDYQADHVVSGDDNYYIIFTSGTTGMPK
GVQISHDNLVSYVDWMLSDDFGLPDQPNSLSQPPYSFDLSVMDVYPTLALGGTLYALPKAVTDDFKQLFAALPTLPINVW
VSTPSFMDICLLEPKFNAENLPTLTHFLFCGEELTHKTAATLKKRFPDARIFNTYGPTETCVAVTQIEITDAALAQYDRL
PIGYAKADTRILVVDENGEAVPNGTEGELIIAGPSVSKGYLNNPEKTAKAFFELDGQPAYHSGDIGTMDADGLFRYRGRV
DFQIKMHGYRIELEEVDHFLAQQQHIKQAVAVPKYDKEHKVTQMIAYVVPKPNDFESDFALTTAIKKDLQGMMMEYMIPQ
RFVYQTSLPLTPNGKIDVKSIIKEVNPE
;
_entity_poly.pdbx_strand_id   A,B
#
# COMPACT_ATOMS: atom_id res chain seq x y z
N LYS A 3 14.21 -12.11 -16.50
CA LYS A 3 14.46 -12.82 -15.26
C LYS A 3 15.84 -12.47 -14.72
N ASN A 4 16.76 -12.20 -15.64
CA ASN A 4 18.06 -11.62 -15.33
C ASN A 4 18.21 -10.37 -16.18
N ILE A 5 18.66 -9.26 -15.58
CA ILE A 5 18.61 -8.02 -16.34
C ILE A 5 19.52 -8.07 -17.54
N ILE A 6 20.67 -8.74 -17.44
CA ILE A 6 21.54 -8.90 -18.61
C ILE A 6 20.83 -9.69 -19.70
N THR A 7 20.11 -10.75 -19.34
CA THR A 7 19.42 -11.55 -20.37
C THR A 7 18.34 -10.73 -21.02
N THR A 8 17.58 -9.97 -20.22
CA THR A 8 16.57 -9.07 -20.78
C THR A 8 17.18 -8.14 -21.80
N ILE A 9 18.37 -7.60 -21.52
CA ILE A 9 18.97 -6.62 -22.42
C ILE A 9 19.51 -7.32 -23.66
N ASP A 10 20.17 -8.47 -23.46
CA ASP A 10 20.63 -9.26 -24.58
C ASP A 10 19.46 -9.62 -25.50
N ASP A 11 18.32 -9.98 -24.92
CA ASP A 11 17.16 -10.40 -25.71
C ASP A 11 16.66 -9.29 -26.63
N TYR A 12 16.76 -8.02 -26.21
CA TYR A 12 16.43 -6.92 -27.11
C TYR A 12 17.37 -6.85 -28.31
N ALA A 13 18.58 -7.41 -28.20
CA ALA A 13 19.43 -7.50 -29.39
C ALA A 13 18.85 -8.45 -30.42
N ARG A 14 18.11 -9.48 -29.97
CA ARG A 14 17.52 -10.46 -30.87
C ARG A 14 16.19 -9.98 -31.45
N THR A 15 15.42 -9.24 -30.67
CA THR A 15 14.09 -8.83 -31.13
C THR A 15 14.04 -7.45 -31.76
N GLN A 16 14.93 -6.53 -31.37
CA GLN A 16 14.98 -5.19 -31.96
C GLN A 16 16.43 -4.80 -32.25
N PRO A 17 17.16 -5.65 -32.99
CA PRO A 17 18.60 -5.40 -33.21
C PRO A 17 18.93 -3.99 -33.65
N ASN A 18 18.08 -3.41 -34.47
CA ASN A 18 18.37 -2.16 -35.13
C ASN A 18 17.83 -0.96 -34.37
N ASN A 19 17.09 -1.15 -33.29
CA ASN A 19 16.64 -0.03 -32.48
C ASN A 19 17.84 0.65 -31.84
N VAL A 20 17.89 1.98 -31.96
CA VAL A 20 18.93 2.76 -31.30
C VAL A 20 18.79 2.62 -29.79
N VAL A 21 19.91 2.35 -29.11
CA VAL A 21 19.92 2.29 -27.65
C VAL A 21 20.64 3.48 -27.02
N TYR A 22 21.53 4.16 -27.75
CA TYR A 22 22.33 5.25 -27.20
C TYR A 22 22.50 6.33 -28.25
N ASP A 23 22.51 7.60 -27.82
CA ASP A 23 22.67 8.74 -28.72
C ASP A 23 23.41 9.85 -27.97
N VAL A 24 24.62 10.18 -28.39
CA VAL A 24 25.37 11.30 -27.83
C VAL A 24 25.57 12.32 -28.93
N GLN A 25 24.88 13.46 -28.81
CA GLN A 25 25.00 14.55 -29.78
C GLN A 25 25.07 14.02 -31.22
N GLY A 26 24.15 13.09 -31.54
CA GLY A 26 24.04 12.57 -32.89
C GLY A 26 24.81 11.29 -33.18
N VAL A 27 25.68 10.83 -32.28
CA VAL A 27 26.34 9.54 -32.44
C VAL A 27 25.47 8.47 -31.78
N THR A 28 25.09 7.44 -32.55
CA THR A 28 24.13 6.44 -32.10
C THR A 28 24.70 5.03 -32.19
N HIS A 29 24.24 4.16 -31.30
CA HIS A 29 24.47 2.74 -31.41
C HIS A 29 23.17 2.00 -31.12
N THR A 30 23.10 0.78 -31.63
CA THR A 30 21.91 -0.05 -31.64
C THR A 30 21.97 -1.10 -30.55
N TYR A 31 20.81 -1.73 -30.29
CA TYR A 31 20.77 -2.82 -29.32
C TYR A 31 21.64 -3.98 -29.77
N ALA A 32 21.82 -4.14 -31.09
CA ALA A 32 22.67 -5.21 -31.59
C ALA A 32 24.11 -4.96 -31.25
N GLU A 33 24.58 -3.73 -31.46
CA GLU A 33 25.97 -3.40 -31.14
C GLU A 33 26.23 -3.45 -29.64
N LEU A 34 25.21 -3.22 -28.83
CA LEU A 34 25.38 -3.30 -27.38
C LEU A 34 25.65 -4.74 -26.94
N LYS A 35 24.86 -5.69 -27.45
CA LYS A 35 25.13 -7.08 -27.10
C LYS A 35 26.47 -7.52 -27.65
N ALA A 36 26.78 -7.12 -28.89
CA ALA A 36 28.01 -7.53 -29.56
C ALA A 36 29.23 -6.99 -28.83
N TYR A 37 29.23 -5.69 -28.49
CA TYR A 37 30.33 -5.11 -27.72
C TYR A 37 30.51 -5.84 -26.39
N SER A 38 29.44 -5.93 -25.58
CA SER A 38 29.55 -6.51 -24.25
C SER A 38 29.84 -8.01 -24.30
N ASP A 39 29.34 -8.71 -25.32
CA ASP A 39 29.77 -10.09 -25.54
C ASP A 39 31.26 -10.15 -25.81
N ALA A 40 31.76 -9.26 -26.66
CA ALA A 40 33.17 -9.26 -26.99
C ALA A 40 34.03 -8.92 -25.78
N LEU A 41 33.58 -7.96 -24.97
CA LEU A 41 34.36 -7.65 -23.77
C LEU A 41 34.40 -8.84 -22.82
N ALA A 42 33.24 -9.48 -22.61
CA ALA A 42 33.12 -10.56 -21.63
C ALA A 42 33.99 -11.75 -22.01
N ALA A 43 33.88 -12.19 -23.26
CA ALA A 43 34.77 -13.23 -23.78
C ALA A 43 36.21 -12.91 -23.48
N HIS A 44 36.61 -11.66 -23.71
CA HIS A 44 37.99 -11.23 -23.50
C HIS A 44 38.36 -11.32 -22.02
N LEU A 45 37.49 -10.80 -21.14
CA LEU A 45 37.78 -10.90 -19.71
C LEU A 45 37.84 -12.34 -19.25
N ASP A 46 36.99 -13.21 -19.81
CA ASP A 46 37.04 -14.63 -19.48
C ASP A 46 38.41 -15.21 -19.75
N THR A 47 39.08 -14.71 -20.79
CA THR A 47 40.40 -15.15 -21.19
C THR A 47 41.48 -14.74 -20.19
N LEU A 48 41.32 -13.60 -19.52
CA LEU A 48 42.36 -13.06 -18.65
C LEU A 48 42.52 -13.80 -17.33
N ASP A 49 41.59 -14.70 -17.00
CA ASP A 49 41.66 -15.48 -15.75
C ASP A 49 41.74 -14.57 -14.52
N LEU A 50 40.95 -13.50 -14.53
CA LEU A 50 41.04 -12.49 -13.49
C LEU A 50 40.57 -13.06 -12.14
N PRO A 51 41.12 -12.52 -11.01
CA PRO A 51 40.86 -13.06 -9.65
C PRO A 51 39.44 -13.41 -9.24
N ALA A 52 38.57 -13.76 -10.18
CA ALA A 52 37.16 -14.15 -9.91
C ALA A 52 36.41 -12.90 -9.43
N LYS A 53 35.54 -13.05 -8.42
CA LYS A 53 34.76 -12.01 -7.76
C LYS A 53 35.24 -10.58 -7.92
N ASP A 54 36.55 -10.35 -7.75
CA ASP A 54 37.17 -9.02 -7.76
C ASP A 54 36.57 -8.09 -8.81
N PRO A 55 36.13 -6.89 -8.41
CA PRO A 55 35.41 -6.01 -9.34
C PRO A 55 36.35 -5.29 -10.29
N ILE A 56 35.78 -4.71 -11.33
CA ILE A 56 36.53 -3.96 -12.33
C ILE A 56 36.11 -2.48 -12.27
N ILE A 57 37.09 -1.60 -12.20
CA ILE A 57 36.81 -0.17 -12.30
C ILE A 57 36.61 0.18 -13.76
N VAL A 58 35.56 0.94 -14.05
CA VAL A 58 35.30 1.44 -15.39
C VAL A 58 35.35 2.96 -15.32
N PHE A 59 36.34 3.56 -15.99
CA PHE A 59 36.66 4.98 -15.87
C PHE A 59 36.32 5.69 -17.17
N GLY A 60 35.41 6.67 -17.11
CA GLY A 60 35.06 7.39 -18.32
C GLY A 60 33.94 8.38 -18.07
N GLY A 61 33.43 8.95 -19.18
CA GLY A 61 32.39 9.96 -19.15
C GLY A 61 31.02 9.43 -19.52
N GLN A 62 30.32 10.03 -20.51
CA GLN A 62 28.97 9.60 -20.90
C GLN A 62 28.90 9.02 -22.30
N THR A 63 29.88 8.24 -22.75
CA THR A 63 29.73 7.68 -24.09
C THR A 63 29.15 6.27 -24.02
N PHE A 64 28.72 5.81 -25.18
CA PHE A 64 28.15 4.47 -25.31
C PHE A 64 29.05 3.41 -24.70
N GLU A 65 30.36 3.50 -24.95
CA GLU A 65 31.29 2.50 -24.44
C GLU A 65 31.17 2.31 -22.93
N MET A 66 30.84 3.38 -22.19
CA MET A 66 30.57 3.24 -20.77
C MET A 66 29.51 2.17 -20.49
N ILE A 67 28.36 2.26 -21.15
CA ILE A 67 27.30 1.27 -20.92
C ILE A 67 27.72 -0.09 -21.44
N ALA A 68 28.32 -0.11 -22.63
CA ALA A 68 28.79 -1.38 -23.20
C ALA A 68 29.76 -2.05 -22.26
N THR A 69 30.68 -1.28 -21.67
CA THR A 69 31.69 -1.84 -20.78
C THR A 69 31.06 -2.40 -19.52
N PHE A 70 30.08 -1.69 -18.95
CA PHE A 70 29.42 -2.20 -17.76
C PHE A 70 28.84 -3.58 -18.03
N LEU A 71 28.18 -3.74 -19.19
CA LEU A 71 27.48 -4.97 -19.48
C LEU A 71 28.44 -6.12 -19.72
N GLY A 72 29.56 -5.84 -20.36
CA GLY A 72 30.57 -6.86 -20.53
C GLY A 72 31.19 -7.29 -19.21
N VAL A 73 31.29 -6.37 -18.25
CA VAL A 73 31.86 -6.73 -16.95
C VAL A 73 30.88 -7.61 -16.17
N VAL A 74 29.60 -7.21 -16.11
CA VAL A 74 28.65 -8.04 -15.37
C VAL A 74 28.43 -9.36 -16.13
N LYS A 75 28.52 -9.32 -17.45
CA LYS A 75 28.46 -10.55 -18.23
C LYS A 75 29.58 -11.52 -17.85
N SER A 76 30.73 -10.99 -17.42
CA SER A 76 31.89 -11.82 -17.09
C SER A 76 31.81 -12.38 -15.67
N GLY A 77 30.80 -12.01 -14.90
CA GLY A 77 30.62 -12.51 -13.55
C GLY A 77 30.98 -11.52 -12.46
N ARG A 78 31.58 -10.39 -12.79
CA ARG A 78 32.11 -9.46 -11.81
C ARG A 78 31.34 -8.16 -11.84
N ALA A 79 31.38 -7.45 -10.72
CA ALA A 79 30.81 -6.12 -10.58
C ALA A 79 31.71 -5.07 -11.20
N TYR A 80 31.11 -3.98 -11.67
CA TYR A 80 31.87 -2.85 -12.15
C TYR A 80 31.80 -1.70 -11.15
N ILE A 81 32.88 -0.95 -11.07
CA ILE A 81 32.94 0.25 -10.23
C ILE A 81 33.06 1.44 -11.16
N PRO A 82 32.02 2.26 -11.31
CA PRO A 82 32.10 3.37 -12.28
C PRO A 82 32.73 4.61 -11.68
N ILE A 83 33.71 5.17 -12.36
CA ILE A 83 34.39 6.39 -11.94
C ILE A 83 34.33 7.39 -13.10
N ASP A 84 33.98 8.63 -12.80
CA ASP A 84 33.78 9.62 -13.85
C ASP A 84 35.05 10.40 -14.16
N THR A 85 35.21 10.73 -15.45
CA THR A 85 36.42 11.43 -15.92
C THR A 85 36.62 12.74 -15.20
N HIS A 86 35.54 13.43 -14.87
CA HIS A 86 35.66 14.79 -14.34
C HIS A 86 35.77 14.82 -12.83
N SER A 87 36.03 13.67 -12.21
CA SER A 87 36.37 13.64 -10.80
C SER A 87 37.88 13.83 -10.62
N PRO A 88 38.32 14.38 -9.49
CA PRO A 88 39.76 14.59 -9.29
C PRO A 88 40.54 13.29 -9.36
N ASN A 89 41.84 13.41 -9.62
CA ASN A 89 42.65 12.22 -9.87
C ASN A 89 42.70 11.31 -8.65
N GLU A 90 42.77 11.88 -7.45
CA GLU A 90 42.87 11.04 -6.26
C GLU A 90 41.63 10.17 -6.05
N ARG A 91 40.47 10.58 -6.59
CA ARG A 91 39.31 9.69 -6.61
C ARG A 91 39.68 8.32 -7.16
N LEU A 92 40.23 8.29 -8.38
CA LEU A 92 40.63 7.02 -8.97
C LEU A 92 41.74 6.35 -8.16
N THR A 93 42.62 7.12 -7.52
CA THR A 93 43.67 6.49 -6.71
C THR A 93 43.08 5.89 -5.43
N MET A 94 42.27 6.68 -4.72
CA MET A 94 41.62 6.20 -3.49
C MET A 94 40.82 4.93 -3.74
N ILE A 95 39.89 4.97 -4.70
CA ILE A 95 39.02 3.82 -4.93
C ILE A 95 39.85 2.61 -5.31
N ASN A 96 40.86 2.79 -6.16
CA ASN A 96 41.75 1.69 -6.52
C ASN A 96 42.37 1.07 -5.28
N GLU A 97 42.76 1.92 -4.32
CA GLU A 97 43.40 1.46 -3.10
C GLU A 97 42.41 0.79 -2.16
N ILE A 98 41.17 1.27 -2.14
CA ILE A 98 40.18 0.72 -1.22
C ILE A 98 39.58 -0.56 -1.80
N ALA A 99 39.29 -0.55 -3.10
CA ALA A 99 38.55 -1.64 -3.71
C ALA A 99 39.44 -2.78 -4.19
N LYS A 100 40.75 -2.55 -4.33
CA LYS A 100 41.70 -3.53 -4.86
C LYS A 100 41.09 -4.25 -6.07
N PRO A 101 40.77 -3.53 -7.14
CA PRO A 101 40.04 -4.15 -8.25
C PRO A 101 40.94 -5.09 -9.04
N ALA A 102 40.29 -6.01 -9.76
CA ALA A 102 41.00 -6.94 -10.63
C ALA A 102 41.55 -6.25 -11.87
N ALA A 103 40.96 -5.13 -12.28
CA ALA A 103 41.38 -4.42 -13.48
C ALA A 103 40.70 -3.06 -13.50
N VAL A 104 41.26 -2.15 -14.31
CA VAL A 104 40.66 -0.86 -14.60
C VAL A 104 40.47 -0.79 -16.12
N ILE A 105 39.24 -0.57 -16.55
CA ILE A 105 38.96 -0.38 -17.97
C ILE A 105 38.82 1.11 -18.24
N ALA A 106 39.73 1.62 -19.07
CA ALA A 106 39.84 3.05 -19.36
C ALA A 106 39.01 3.36 -20.61
N VAL A 107 37.72 3.59 -20.39
CA VAL A 107 36.87 4.10 -21.47
C VAL A 107 37.37 5.48 -21.90
N ALA A 108 37.69 6.34 -20.92
CA ALA A 108 38.53 7.51 -21.13
C ALA A 108 39.92 7.25 -20.54
N ASP A 109 40.92 7.92 -21.11
CA ASP A 109 42.29 7.78 -20.65
C ASP A 109 42.39 8.07 -19.16
N LEU A 110 43.17 7.27 -18.45
CA LEU A 110 43.36 7.52 -17.03
C LEU A 110 44.23 8.76 -16.87
N PRO A 111 43.87 9.68 -15.98
CA PRO A 111 44.75 10.83 -15.73
C PRO A 111 45.93 10.49 -14.86
N THR A 112 45.91 9.36 -14.15
CA THR A 112 47.00 8.93 -13.28
C THR A 112 47.07 7.41 -13.27
N GLY A 113 48.21 6.90 -12.78
CA GLY A 113 48.40 5.48 -12.70
C GLY A 113 47.56 4.87 -11.59
N VAL A 114 47.40 3.54 -11.68
CA VAL A 114 46.59 2.82 -10.71
C VAL A 114 47.39 1.64 -10.17
N GLY A 115 48.68 1.86 -9.92
CA GLY A 115 49.46 0.85 -9.21
C GLY A 115 49.62 -0.42 -10.02
N THR A 116 49.49 -1.56 -9.35
CA THR A 116 49.62 -2.83 -10.05
C THR A 116 48.32 -3.27 -10.72
N THR A 117 47.27 -2.48 -10.66
CA THR A 117 46.03 -2.93 -11.31
C THR A 117 46.19 -2.87 -12.82
N PRO A 118 46.03 -4.00 -13.53
CA PRO A 118 46.09 -3.95 -14.99
C PRO A 118 45.04 -2.99 -15.54
N VAL A 119 45.39 -2.38 -16.68
CA VAL A 119 44.55 -1.40 -17.32
C VAL A 119 44.33 -1.85 -18.76
N ILE A 120 43.11 -1.67 -19.25
CA ILE A 120 42.81 -1.82 -20.67
C ILE A 120 42.67 -0.42 -21.22
N THR A 121 43.50 -0.08 -22.22
CA THR A 121 43.55 1.27 -22.74
C THR A 121 42.35 1.52 -23.66
N PRO A 122 42.01 2.79 -23.92
CA PRO A 122 40.88 3.07 -24.83
C PRO A 122 41.05 2.46 -26.19
N ASP A 123 42.29 2.34 -26.68
CA ASP A 123 42.55 1.73 -27.98
C ASP A 123 42.38 0.22 -27.93
N GLN A 124 42.90 -0.40 -26.86
CA GLN A 124 42.72 -1.82 -26.63
C GLN A 124 41.24 -2.15 -26.46
N LEU A 125 40.51 -1.30 -25.74
CA LEU A 125 39.07 -1.48 -25.63
C LEU A 125 38.42 -1.43 -27.00
N ALA A 126 38.74 -0.39 -27.78
CA ALA A 126 38.25 -0.31 -29.16
C ALA A 126 38.50 -1.60 -29.92
N ALA A 127 39.69 -2.19 -29.72
CA ALA A 127 40.02 -3.40 -30.45
C ALA A 127 39.17 -4.57 -30.00
N ILE A 128 38.90 -4.66 -28.70
CA ILE A 128 38.10 -5.76 -28.19
C ILE A 128 36.68 -5.69 -28.76
N PHE A 129 36.03 -4.51 -28.64
CA PHE A 129 34.67 -4.33 -29.13
C PHE A 129 34.54 -4.70 -30.60
N ALA A 130 35.61 -4.55 -31.38
CA ALA A 130 35.63 -4.89 -32.80
C ALA A 130 36.10 -6.31 -33.05
N THR A 131 35.96 -7.20 -32.07
CA THR A 131 36.42 -8.58 -32.18
C THR A 131 35.23 -9.47 -31.86
N PRO A 132 34.35 -9.68 -32.83
CA PRO A 132 33.06 -10.32 -32.52
C PRO A 132 33.22 -11.76 -32.10
N VAL A 133 32.46 -12.13 -31.06
CA VAL A 133 32.41 -13.48 -30.57
C VAL A 133 30.97 -13.95 -30.62
N ASP A 134 30.80 -15.27 -30.59
CA ASP A 134 29.50 -15.93 -30.48
C ASP A 134 29.45 -16.42 -29.05
N TYR A 135 28.87 -15.63 -28.15
CA TYR A 135 29.14 -15.78 -26.73
C TYR A 135 27.99 -16.44 -26.00
N GLN A 136 28.33 -17.47 -25.21
CA GLN A 136 27.45 -18.06 -24.23
C GLN A 136 27.53 -17.24 -22.94
N ALA A 137 26.45 -16.58 -22.56
CA ALA A 137 26.43 -15.79 -21.33
C ALA A 137 26.06 -16.66 -20.13
N ASP A 138 26.89 -17.66 -19.88
CA ASP A 138 26.52 -18.70 -18.93
C ASP A 138 26.96 -18.41 -17.50
N HIS A 139 27.74 -17.37 -17.27
CA HIS A 139 28.19 -17.08 -15.92
C HIS A 139 28.04 -15.60 -15.59
N VAL A 140 26.93 -14.99 -16.04
CA VAL A 140 26.70 -13.56 -15.77
C VAL A 140 26.42 -13.34 -14.29
N VAL A 141 26.57 -12.10 -13.85
CA VAL A 141 26.20 -11.73 -12.49
C VAL A 141 24.72 -12.04 -12.26
N SER A 142 24.42 -12.77 -11.19
CA SER A 142 23.04 -13.03 -10.83
C SER A 142 22.89 -13.15 -9.31
N GLY A 143 21.63 -13.08 -8.86
CA GLY A 143 21.34 -13.43 -7.48
C GLY A 143 21.84 -12.37 -6.51
N ASP A 144 22.43 -12.82 -5.39
CA ASP A 144 23.01 -11.92 -4.39
C ASP A 144 24.41 -11.44 -4.75
N ASP A 145 24.91 -11.76 -5.95
CA ASP A 145 26.27 -11.37 -6.29
C ASP A 145 26.34 -9.89 -6.69
N ASN A 146 27.47 -9.26 -6.36
CA ASN A 146 27.67 -7.84 -6.68
C ASN A 146 27.46 -7.57 -8.16
N TYR A 147 26.67 -6.55 -8.46
CA TYR A 147 26.44 -6.09 -9.83
C TYR A 147 27.18 -4.79 -10.12
N TYR A 148 26.91 -3.72 -9.35
CA TYR A 148 27.79 -2.59 -9.36
C TYR A 148 28.17 -2.22 -7.93
N ILE A 149 29.29 -1.52 -7.80
CA ILE A 149 29.71 -0.93 -6.54
C ILE A 149 29.90 0.55 -6.79
N ILE A 150 29.01 1.36 -6.27
CA ILE A 150 29.09 2.80 -6.47
C ILE A 150 29.61 3.41 -5.17
N PHE A 151 30.66 4.22 -5.28
CA PHE A 151 31.28 4.84 -4.13
C PHE A 151 30.62 6.17 -3.82
N THR A 152 30.28 6.40 -2.54
CA THR A 152 29.70 7.67 -2.13
C THR A 152 30.72 8.80 -2.21
N MET A 158 34.99 9.13 4.48
CA MET A 158 35.50 8.87 3.13
C MET A 158 34.42 8.41 2.16
N PRO A 159 34.79 8.32 0.91
CA PRO A 159 34.03 7.51 -0.04
C PRO A 159 33.99 6.03 0.38
N LYS A 160 32.79 5.45 0.29
CA LYS A 160 32.53 4.07 0.67
C LYS A 160 31.88 3.31 -0.50
N GLY A 161 32.32 2.08 -0.72
CA GLY A 161 31.83 1.29 -1.84
C GLY A 161 30.57 0.51 -1.54
N VAL A 162 29.43 1.07 -1.95
CA VAL A 162 28.12 0.43 -1.78
C VAL A 162 28.01 -0.73 -2.77
N GLN A 163 27.95 -1.95 -2.25
CA GLN A 163 27.81 -3.11 -3.11
C GLN A 163 26.32 -3.33 -3.39
N ILE A 164 25.94 -3.26 -4.66
CA ILE A 164 24.56 -3.51 -5.08
C ILE A 164 24.54 -4.80 -5.89
N SER A 165 23.83 -5.82 -5.39
CA SER A 165 23.75 -7.12 -6.05
C SER A 165 22.78 -7.08 -7.24
N HIS A 166 22.79 -8.16 -8.02
CA HIS A 166 21.85 -8.23 -9.14
C HIS A 166 20.41 -8.12 -8.64
N ASP A 167 20.06 -8.84 -7.57
CA ASP A 167 18.68 -8.84 -7.11
C ASP A 167 18.31 -7.52 -6.42
N ASN A 168 19.28 -6.86 -5.76
CA ASN A 168 19.12 -5.49 -5.29
C ASN A 168 18.60 -4.60 -6.42
N LEU A 169 19.29 -4.63 -7.56
CA LEU A 169 18.96 -3.75 -8.66
C LEU A 169 17.59 -4.09 -9.25
N VAL A 170 17.19 -5.37 -9.23
CA VAL A 170 15.91 -5.75 -9.81
C VAL A 170 14.77 -5.28 -8.92
N SER A 171 14.96 -5.32 -7.60
CA SER A 171 13.95 -4.71 -6.72
C SER A 171 13.72 -3.26 -7.10
N TYR A 172 14.79 -2.50 -7.27
CA TYR A 172 14.67 -1.12 -7.73
C TYR A 172 14.04 -1.03 -9.12
N VAL A 173 14.54 -1.81 -10.08
CA VAL A 173 14.09 -1.66 -11.46
C VAL A 173 12.61 -2.01 -11.58
N ASP A 174 12.18 -3.10 -10.93
CA ASP A 174 10.77 -3.52 -10.95
C ASP A 174 9.86 -2.40 -10.49
N TRP A 175 10.24 -1.73 -9.40
CA TRP A 175 9.46 -0.60 -8.91
C TRP A 175 9.31 0.49 -9.97
N MET A 176 10.41 0.84 -10.66
CA MET A 176 10.33 1.88 -11.67
C MET A 176 9.48 1.47 -12.86
N LEU A 177 9.39 0.18 -13.13
CA LEU A 177 8.57 -0.31 -14.23
C LEU A 177 7.12 -0.53 -13.82
N SER A 178 6.76 -0.17 -12.61
CA SER A 178 5.42 -0.43 -12.09
C SER A 178 4.49 0.75 -12.33
N ASP A 179 3.24 0.57 -11.92
CA ASP A 179 2.20 1.56 -12.09
C ASP A 179 2.37 2.77 -11.17
N ASP A 180 3.35 2.77 -10.27
CA ASP A 180 3.64 3.98 -9.50
C ASP A 180 4.03 5.12 -10.45
N PHE A 181 4.74 4.78 -11.52
CA PHE A 181 5.30 5.75 -12.44
C PHE A 181 4.67 5.72 -13.82
N GLY A 182 4.21 4.56 -14.28
CA GLY A 182 3.66 4.43 -15.60
C GLY A 182 4.59 4.90 -16.69
N LEU A 183 5.86 4.49 -16.64
CA LEU A 183 6.79 4.88 -17.70
C LEU A 183 6.30 4.33 -19.05
N PRO A 184 6.55 5.05 -20.15
CA PRO A 184 6.18 4.52 -21.46
C PRO A 184 7.03 3.32 -21.82
N ASP A 185 6.47 2.42 -22.62
CA ASP A 185 7.26 1.34 -23.19
C ASP A 185 8.28 1.92 -24.18
N GLN A 186 9.47 1.31 -24.26
CA GLN A 186 10.61 1.85 -25.00
C GLN A 186 10.77 3.36 -24.77
N PRO A 187 11.02 3.80 -23.54
CA PRO A 187 11.09 5.23 -23.28
C PRO A 187 12.34 5.86 -23.90
N ASN A 188 12.21 7.13 -24.25
CA ASN A 188 13.38 7.93 -24.61
C ASN A 188 13.77 8.75 -23.38
N SER A 189 14.92 8.46 -22.80
CA SER A 189 15.26 9.05 -21.51
C SER A 189 16.56 9.86 -21.59
N LEU A 190 16.57 10.98 -20.88
CA LEU A 190 17.81 11.73 -20.67
C LEU A 190 18.78 10.93 -19.81
N SER A 191 20.08 11.08 -20.10
CA SER A 191 21.15 10.50 -19.29
C SER A 191 22.14 11.64 -19.02
N GLN A 192 21.87 12.41 -17.97
CA GLN A 192 22.69 13.54 -17.58
C GLN A 192 23.55 13.21 -16.35
N PRO A 193 23.00 12.66 -15.27
CA PRO A 193 23.87 12.32 -14.12
C PRO A 193 25.01 11.41 -14.55
N PRO A 194 26.24 11.77 -14.19
CA PRO A 194 27.37 10.89 -14.52
C PRO A 194 27.15 9.49 -13.92
N TYR A 195 27.73 8.49 -14.58
CA TYR A 195 27.49 7.10 -14.17
C TYR A 195 28.20 6.76 -12.87
N SER A 196 29.15 7.58 -12.43
CA SER A 196 29.71 7.37 -11.10
C SER A 196 28.66 7.60 -10.03
N PHE A 197 27.58 8.29 -10.36
CA PHE A 197 26.53 8.60 -9.39
C PHE A 197 25.40 7.58 -9.47
N ASP A 198 24.85 7.26 -8.31
CA ASP A 198 23.71 6.37 -8.20
C ASP A 198 22.54 6.81 -9.07
N LEU A 199 22.26 8.11 -9.10
CA LEU A 199 21.06 8.61 -9.79
C LEU A 199 21.04 8.22 -11.26
N SER A 200 22.21 8.11 -11.90
CA SER A 200 22.26 7.68 -13.30
C SER A 200 21.54 6.36 -13.53
N VAL A 201 21.46 5.52 -12.50
CA VAL A 201 20.79 4.22 -12.60
C VAL A 201 19.31 4.42 -12.86
N MET A 202 18.72 5.45 -12.24
CA MET A 202 17.29 5.77 -12.43
C MET A 202 16.91 5.93 -13.90
N ASP A 203 17.82 6.43 -14.74
CA ASP A 203 17.55 6.43 -16.17
C ASP A 203 18.20 5.28 -16.95
N VAL A 204 19.33 4.72 -16.49
CA VAL A 204 20.03 3.71 -17.29
C VAL A 204 19.21 2.43 -17.39
N TYR A 205 18.91 1.81 -16.25
CA TYR A 205 18.33 0.47 -16.22
C TYR A 205 16.82 0.41 -16.43
N PRO A 206 16.03 1.39 -15.99
CA PRO A 206 14.61 1.37 -16.40
C PRO A 206 14.43 1.53 -17.90
N THR A 207 15.27 2.34 -18.53
CA THR A 207 15.20 2.47 -19.99
C THR A 207 15.63 1.17 -20.66
N LEU A 208 16.68 0.53 -20.15
CA LEU A 208 17.22 -0.68 -20.76
C LEU A 208 16.27 -1.86 -20.57
N ALA A 209 15.75 -2.04 -19.36
CA ALA A 209 14.74 -3.06 -19.16
C ALA A 209 13.58 -2.89 -20.11
N LEU A 210 13.21 -1.65 -20.43
CA LEU A 210 12.04 -1.38 -21.26
C LEU A 210 12.35 -1.34 -22.75
N GLY A 211 13.61 -1.51 -23.16
CA GLY A 211 13.94 -1.44 -24.57
C GLY A 211 14.02 -0.04 -25.15
N GLY A 212 14.20 0.98 -24.31
CA GLY A 212 14.25 2.35 -24.79
C GLY A 212 15.62 2.81 -25.25
N THR A 213 15.81 4.13 -25.25
CA THR A 213 16.99 4.75 -25.83
C THR A 213 17.51 5.81 -24.88
N LEU A 214 18.84 5.88 -24.74
CA LEU A 214 19.46 6.85 -23.86
C LEU A 214 19.98 8.03 -24.68
N TYR A 215 19.59 9.22 -24.28
CA TYR A 215 20.05 10.46 -24.93
C TYR A 215 20.94 11.15 -23.90
N ALA A 216 22.25 11.04 -24.12
CA ALA A 216 23.21 11.41 -23.11
C ALA A 216 23.76 12.79 -23.38
N LEU A 217 24.05 13.51 -22.29
CA LEU A 217 24.71 14.80 -22.35
C LEU A 217 26.09 14.68 -21.74
N PRO A 218 27.18 14.86 -22.50
CA PRO A 218 28.51 14.93 -21.87
C PRO A 218 28.68 16.22 -21.09
N LYS A 219 29.58 16.18 -20.10
CA LYS A 219 29.74 17.31 -19.19
C LYS A 219 30.07 18.60 -19.94
N ALA A 220 30.78 18.51 -21.06
CA ALA A 220 31.10 19.69 -21.86
C ALA A 220 29.84 20.48 -22.22
N VAL A 221 28.72 19.79 -22.44
CA VAL A 221 27.46 20.47 -22.78
C VAL A 221 26.86 21.15 -21.57
N THR A 222 26.83 20.44 -20.43
CA THR A 222 26.27 21.03 -19.22
C THR A 222 27.15 22.12 -18.64
N ASP A 223 28.46 22.10 -18.94
CA ASP A 223 29.35 23.18 -18.50
C ASP A 223 29.06 24.51 -19.22
N ASP A 224 28.22 24.52 -20.25
CA ASP A 224 28.06 25.68 -21.13
C ASP A 224 26.57 25.86 -21.44
N PHE A 225 25.92 26.79 -20.72
CA PHE A 225 24.49 26.99 -20.83
C PHE A 225 24.06 27.24 -22.27
N LYS A 226 24.88 27.98 -23.04
CA LYS A 226 24.55 28.11 -24.45
C LYS A 226 24.36 26.72 -25.02
N GLN A 227 25.37 25.86 -24.89
CA GLN A 227 25.30 24.55 -25.51
C GLN A 227 24.14 23.75 -24.97
N LEU A 228 23.91 23.82 -23.65
CA LEU A 228 22.90 22.99 -23.03
C LEU A 228 21.51 23.42 -23.46
N PHE A 229 21.22 24.73 -23.37
CA PHE A 229 19.95 25.26 -23.83
C PHE A 229 19.72 24.95 -25.31
N ALA A 230 20.78 24.96 -26.11
CA ALA A 230 20.66 24.60 -27.52
C ALA A 230 20.39 23.11 -27.71
N ALA A 231 20.97 22.27 -26.84
CA ALA A 231 20.91 20.82 -27.03
C ALA A 231 19.54 20.25 -26.66
N LEU A 232 18.93 20.77 -25.59
CA LEU A 232 17.73 20.14 -25.02
C LEU A 232 16.61 20.00 -26.04
N PRO A 233 16.21 21.04 -26.79
CA PRO A 233 15.11 20.86 -27.76
C PRO A 233 15.39 19.82 -28.82
N THR A 234 16.65 19.46 -29.03
CA THR A 234 17.02 18.48 -30.04
C THR A 234 16.86 17.04 -29.57
N LEU A 235 16.51 16.83 -28.30
CA LEU A 235 16.41 15.48 -27.75
C LEU A 235 14.95 15.06 -27.70
N PRO A 236 14.58 13.95 -28.32
CA PRO A 236 13.18 13.49 -28.30
C PRO A 236 12.83 12.68 -27.05
N ILE A 237 13.10 13.25 -25.88
CA ILE A 237 13.02 12.49 -24.64
C ILE A 237 11.60 12.51 -24.09
N ASN A 238 11.17 11.36 -23.55
CA ASN A 238 9.93 11.24 -22.79
C ASN A 238 10.14 11.29 -21.27
N VAL A 239 11.29 10.83 -20.79
CA VAL A 239 11.53 10.68 -19.36
C VAL A 239 12.73 11.55 -18.98
N TRP A 240 12.55 12.36 -17.94
CA TRP A 240 13.58 13.23 -17.40
C TRP A 240 14.01 12.73 -16.03
N VAL A 241 15.31 12.60 -15.83
CA VAL A 241 15.89 12.21 -14.54
C VAL A 241 17.02 13.17 -14.21
N SER A 242 16.93 13.84 -13.05
CA SER A 242 18.03 14.72 -12.60
C SER A 242 17.84 15.13 -11.14
N THR A 243 18.86 15.79 -10.60
CA THR A 243 18.67 16.46 -9.32
C THR A 243 17.75 17.66 -9.48
N PRO A 244 17.02 18.04 -8.43
CA PRO A 244 16.24 19.28 -8.51
C PRO A 244 17.07 20.50 -8.90
N SER A 245 18.32 20.59 -8.41
CA SER A 245 19.17 21.74 -8.73
C SER A 245 19.46 21.84 -10.22
N PHE A 246 19.73 20.71 -10.87
CA PHE A 246 19.98 20.76 -12.31
C PHE A 246 18.74 21.27 -13.06
N MET A 247 17.53 20.89 -12.61
CA MET A 247 16.32 21.42 -13.25
C MET A 247 16.21 22.93 -13.07
N ASP A 248 16.67 23.48 -11.92
CA ASP A 248 16.69 24.93 -11.73
C ASP A 248 17.55 25.63 -12.77
N ILE A 249 18.63 25.00 -13.19
CA ILE A 249 19.43 25.56 -14.29
C ILE A 249 18.62 25.58 -15.58
N CYS A 250 18.01 24.44 -15.95
CA CYS A 250 17.29 24.35 -17.23
C CYS A 250 16.10 25.30 -17.28
N LEU A 251 15.52 25.61 -16.11
CA LEU A 251 14.40 26.53 -16.07
C LEU A 251 14.80 28.00 -16.24
N LEU A 252 16.10 28.31 -16.23
CA LEU A 252 16.55 29.66 -16.62
C LEU A 252 16.26 29.92 -18.08
N GLU A 253 15.90 28.88 -18.81
CA GLU A 253 15.49 29.03 -20.21
C GLU A 253 13.98 29.15 -20.30
N PRO A 254 13.41 30.32 -20.75
CA PRO A 254 11.98 30.38 -20.96
C PRO A 254 11.52 29.35 -21.97
N LYS A 255 12.37 29.01 -22.92
CA LYS A 255 12.11 28.07 -23.99
C LYS A 255 12.00 26.63 -23.51
N PHE A 256 12.39 26.35 -22.26
CA PHE A 256 12.28 25.01 -21.69
C PHE A 256 10.83 24.81 -21.27
N ASN A 257 10.01 24.31 -22.19
CA ASN A 257 8.59 24.12 -21.91
C ASN A 257 8.02 23.07 -22.85
N ALA A 258 6.75 22.74 -22.64
CA ALA A 258 6.13 21.64 -23.38
C ALA A 258 6.01 21.92 -24.87
N GLU A 259 6.01 23.18 -25.30
CA GLU A 259 5.84 23.46 -26.72
C GLU A 259 7.14 23.22 -27.49
N ASN A 260 8.28 23.53 -26.89
CA ASN A 260 9.57 23.19 -27.46
C ASN A 260 10.07 21.79 -27.11
N LEU A 261 9.55 21.15 -26.06
CA LEU A 261 9.89 19.78 -25.73
C LEU A 261 8.64 18.91 -25.65
N PRO A 262 7.91 18.74 -26.76
CA PRO A 262 6.60 18.07 -26.70
C PRO A 262 6.68 16.60 -26.33
N THR A 263 7.82 15.94 -26.53
CA THR A 263 7.92 14.52 -26.20
C THR A 263 7.98 14.25 -24.69
N LEU A 264 8.16 15.27 -23.85
CA LEU A 264 8.45 14.99 -22.45
C LEU A 264 7.15 14.70 -21.70
N THR A 265 7.10 13.57 -20.99
CA THR A 265 5.92 13.17 -20.23
C THR A 265 6.20 12.84 -18.77
N HIS A 266 7.44 12.58 -18.39
CA HIS A 266 7.79 12.17 -17.04
C HIS A 266 9.04 12.93 -16.61
N PHE A 267 8.96 13.54 -15.43
CA PHE A 267 10.10 14.18 -14.77
C PHE A 267 10.32 13.44 -13.47
N LEU A 268 11.57 13.00 -13.24
CA LEU A 268 11.91 12.22 -12.06
C LEU A 268 13.05 12.92 -11.35
N PHE A 269 12.84 13.30 -10.11
CA PHE A 269 13.80 14.03 -9.32
C PHE A 269 14.21 13.22 -8.09
N CYS A 270 15.49 13.27 -7.75
CA CYS A 270 16.07 12.58 -6.60
C CYS A 270 17.34 13.30 -6.17
N GLY A 271 17.77 13.00 -4.95
CA GLY A 271 19.08 13.40 -4.48
C GLY A 271 19.09 14.70 -3.69
N GLU A 272 18.11 15.57 -3.89
CA GLU A 272 18.00 16.79 -3.10
C GLU A 272 16.54 17.10 -2.86
N GLU A 273 16.31 18.05 -1.98
CA GLU A 273 14.98 18.57 -1.77
C GLU A 273 14.47 19.22 -3.06
N LEU A 274 13.25 18.85 -3.45
CA LEU A 274 12.57 19.53 -4.54
C LEU A 274 11.76 20.67 -3.93
N THR A 275 12.16 21.91 -4.19
CA THR A 275 11.41 23.01 -3.62
C THR A 275 10.05 23.17 -4.28
N HIS A 276 9.12 23.74 -3.54
CA HIS A 276 7.80 24.04 -4.09
C HIS A 276 7.91 25.00 -5.27
N LYS A 277 8.85 25.95 -5.22
CA LYS A 277 9.02 26.89 -6.32
C LYS A 277 9.55 26.22 -7.58
N THR A 278 10.44 25.23 -7.43
CA THR A 278 10.91 24.49 -8.60
C THR A 278 9.80 23.64 -9.20
N ALA A 279 9.09 22.88 -8.35
CA ALA A 279 8.01 22.05 -8.85
C ALA A 279 6.90 22.87 -9.50
N ALA A 280 6.67 24.11 -9.01
CA ALA A 280 5.58 24.93 -9.51
C ALA A 280 5.94 25.61 -10.83
N THR A 281 7.15 26.17 -10.93
CA THR A 281 7.63 26.63 -12.21
C THR A 281 7.52 25.53 -13.26
N LEU A 282 7.92 24.30 -12.88
CA LEU A 282 7.92 23.20 -13.81
C LEU A 282 6.50 22.74 -14.17
N LYS A 283 5.59 22.72 -13.19
CA LYS A 283 4.18 22.48 -13.47
C LYS A 283 3.64 23.51 -14.47
N LYS A 284 4.11 24.76 -14.37
CA LYS A 284 3.68 25.77 -15.32
C LYS A 284 4.29 25.53 -16.70
N ARG A 285 5.53 25.07 -16.75
CA ARG A 285 6.21 24.84 -18.04
C ARG A 285 5.68 23.59 -18.75
N PHE A 286 5.33 22.57 -17.99
CA PHE A 286 4.90 21.27 -18.50
C PHE A 286 3.65 20.87 -17.74
N PRO A 287 2.51 21.53 -18.03
CA PRO A 287 1.30 21.21 -17.27
C PRO A 287 0.75 19.80 -17.51
N ASP A 288 1.06 19.16 -18.63
CA ASP A 288 0.48 17.85 -18.88
C ASP A 288 1.43 16.70 -18.56
N ALA A 289 2.61 16.99 -18.00
CA ALA A 289 3.56 15.95 -17.64
C ALA A 289 3.28 15.45 -16.23
N ARG A 290 3.90 14.34 -15.89
CA ARG A 290 3.85 13.80 -14.54
C ARG A 290 5.21 14.05 -13.89
N ILE A 291 5.20 14.68 -12.71
CA ILE A 291 6.42 14.97 -11.97
C ILE A 291 6.45 14.15 -10.69
N PHE A 292 7.59 13.56 -10.38
CA PHE A 292 7.77 12.71 -9.21
C PHE A 292 8.94 13.20 -8.40
N ASN A 293 8.73 13.33 -7.10
CA ASN A 293 9.79 13.47 -6.13
C ASN A 293 10.08 12.07 -5.60
N THR A 294 11.37 11.75 -5.45
CA THR A 294 11.78 10.46 -4.91
C THR A 294 12.96 10.68 -3.97
N TYR A 295 13.23 9.68 -3.12
CA TYR A 295 14.36 9.74 -2.21
C TYR A 295 14.76 8.32 -1.82
N GLY A 296 16.05 8.15 -1.56
CA GLY A 296 16.55 6.91 -1.03
C GLY A 296 18.05 6.93 -1.02
N PRO A 297 18.66 6.37 0.02
CA PRO A 297 20.12 6.37 0.08
C PRO A 297 20.68 5.44 -0.99
N THR A 298 21.94 5.70 -1.34
CA THR A 298 22.65 4.82 -2.26
C THR A 298 22.68 3.39 -1.72
N GLU A 299 22.71 3.23 -0.39
CA GLU A 299 22.84 1.92 0.21
C GLU A 299 21.60 1.04 0.06
N THR A 300 20.46 1.60 -0.35
CA THR A 300 19.26 0.79 -0.59
C THR A 300 18.82 0.88 -2.05
N CYS A 301 19.74 1.24 -2.95
CA CYS A 301 19.63 1.17 -4.40
C CYS A 301 18.74 2.26 -4.99
N VAL A 302 19.31 3.45 -5.14
CA VAL A 302 18.77 4.58 -5.90
C VAL A 302 17.66 5.34 -5.17
N ALA A 303 16.47 4.73 -5.05
CA ALA A 303 15.43 5.39 -4.27
C ALA A 303 14.48 4.35 -3.72
N VAL A 304 13.72 4.74 -2.69
CA VAL A 304 12.78 3.85 -2.05
C VAL A 304 11.44 4.52 -1.73
N THR A 305 11.30 5.81 -1.99
CA THR A 305 10.01 6.49 -1.86
C THR A 305 9.77 7.36 -3.09
N GLN A 306 8.49 7.63 -3.35
CA GLN A 306 8.06 8.47 -4.46
C GLN A 306 6.74 9.12 -4.09
N ILE A 307 6.50 10.31 -4.65
CA ILE A 307 5.18 10.93 -4.64
C ILE A 307 5.04 11.73 -5.91
N GLU A 308 3.91 11.54 -6.60
CA GLU A 308 3.60 12.32 -7.79
C GLU A 308 3.15 13.71 -7.36
N ILE A 309 3.91 14.72 -7.76
CA ILE A 309 3.55 16.09 -7.42
C ILE A 309 2.46 16.52 -8.37
N THR A 310 1.22 16.24 -8.01
CA THR A 310 0.05 16.66 -8.78
C THR A 310 -0.28 18.12 -8.47
N ASP A 311 -1.25 18.66 -9.24
CA ASP A 311 -1.83 19.95 -8.90
C ASP A 311 -2.37 19.93 -7.47
N ALA A 312 -3.06 18.84 -7.10
CA ALA A 312 -3.59 18.73 -5.74
C ALA A 312 -2.48 18.64 -4.70
N ALA A 313 -1.35 18.01 -5.04
CA ALA A 313 -0.20 17.99 -4.14
C ALA A 313 0.37 19.40 -3.95
N LEU A 314 0.52 20.15 -5.05
CA LEU A 314 1.10 21.48 -4.98
C LEU A 314 0.26 22.43 -4.14
N ALA A 315 -1.05 22.22 -4.12
CA ALA A 315 -1.92 23.06 -3.30
C ALA A 315 -2.02 22.57 -1.85
N GLN A 316 -1.72 21.31 -1.58
CA GLN A 316 -1.83 20.81 -0.21
C GLN A 316 -0.54 20.95 0.60
N TYR A 317 0.60 20.90 -0.07
CA TYR A 317 1.89 20.84 0.59
C TYR A 317 2.66 22.10 0.28
N ASP A 318 3.24 22.70 1.33
CA ASP A 318 4.24 23.74 1.14
C ASP A 318 5.58 23.12 0.78
N ARG A 319 6.30 22.64 1.79
CA ARG A 319 7.42 21.77 1.52
C ARG A 319 6.90 20.45 0.96
N LEU A 320 7.57 19.94 -0.05
CA LEU A 320 7.09 18.73 -0.71
C LEU A 320 7.51 17.51 0.10
N PRO A 321 6.60 16.59 0.41
CA PRO A 321 7.02 15.35 1.06
C PRO A 321 7.85 14.52 0.10
N ILE A 322 8.60 13.56 0.68
CA ILE A 322 9.39 12.63 -0.13
C ILE A 322 8.59 11.42 -0.57
N GLY A 323 7.39 11.21 -0.04
CA GLY A 323 6.47 10.28 -0.65
C GLY A 323 6.27 8.98 0.10
N TYR A 324 5.87 7.94 -0.65
CA TYR A 324 5.43 6.66 -0.10
C TYR A 324 6.38 5.54 -0.51
N ALA A 325 6.61 4.59 0.41
CA ALA A 325 7.59 3.53 0.19
C ALA A 325 7.18 2.56 -0.92
N LYS A 326 8.20 2.01 -1.59
CA LYS A 326 8.00 0.86 -2.47
C LYS A 326 7.21 -0.22 -1.77
N ALA A 327 6.43 -0.98 -2.54
CA ALA A 327 5.65 -2.04 -1.91
C ALA A 327 6.55 -3.00 -1.13
N ASP A 328 7.71 -3.37 -1.69
CA ASP A 328 8.55 -4.40 -1.08
C ASP A 328 9.57 -3.84 -0.10
N THR A 329 9.54 -2.55 0.21
CA THR A 329 10.54 -1.99 1.11
C THR A 329 9.86 -1.44 2.36
N ARG A 330 10.32 -1.89 3.51
CA ARG A 330 9.78 -1.48 4.81
C ARG A 330 10.58 -0.29 5.33
N ILE A 331 9.91 0.83 5.57
CA ILE A 331 10.57 2.04 6.06
C ILE A 331 9.87 2.50 7.35
N LEU A 332 10.67 2.93 8.33
CA LEU A 332 10.07 3.33 9.59
C LEU A 332 10.99 4.33 10.28
N VAL A 333 10.44 4.99 11.30
CA VAL A 333 11.08 6.10 11.98
C VAL A 333 11.32 5.70 13.42
N VAL A 334 12.58 5.75 13.88
CA VAL A 334 12.92 5.27 15.21
C VAL A 334 13.78 6.29 15.92
N ASP A 335 13.81 6.19 17.25
CA ASP A 335 14.59 7.09 18.08
C ASP A 335 15.99 6.53 18.32
N GLU A 336 16.78 7.26 19.13
CA GLU A 336 18.17 6.89 19.38
C GLU A 336 18.36 5.45 19.85
N ASN A 337 17.30 4.78 20.29
CA ASN A 337 17.44 3.41 20.76
C ASN A 337 16.93 2.38 19.77
N GLY A 338 16.58 2.81 18.56
CA GLY A 338 16.04 1.88 17.58
C GLY A 338 14.61 1.48 17.82
N GLU A 339 13.85 2.26 18.58
CA GLU A 339 12.47 1.95 18.92
C GLU A 339 11.51 2.86 18.17
N ALA A 340 10.40 2.27 17.72
CA ALA A 340 9.43 2.96 16.88
C ALA A 340 8.96 4.25 17.50
N VAL A 341 8.94 5.29 16.68
CA VAL A 341 8.62 6.64 17.06
C VAL A 341 7.23 6.94 16.52
N PRO A 342 6.35 7.58 17.29
CA PRO A 342 4.97 7.79 16.85
C PRO A 342 4.89 8.51 15.50
N ASN A 343 3.76 8.29 14.81
CA ASN A 343 3.50 8.96 13.54
C ASN A 343 3.52 10.46 13.76
N GLY A 344 4.25 11.18 12.90
CA GLY A 344 4.44 12.60 13.05
C GLY A 344 5.62 13.02 13.90
N THR A 345 6.24 12.11 14.63
CA THR A 345 7.42 12.45 15.42
C THR A 345 8.69 12.19 14.60
N GLU A 346 9.67 13.09 14.76
CA GLU A 346 10.92 12.98 14.02
C GLU A 346 11.81 11.90 14.61
N GLY A 347 12.46 11.15 13.72
CA GLY A 347 13.45 10.19 14.14
C GLY A 347 14.27 9.74 12.95
N GLU A 348 15.10 8.73 13.13
CA GLU A 348 15.91 8.26 12.03
C GLU A 348 15.12 7.29 11.15
N LEU A 349 15.22 7.46 9.83
CA LEU A 349 14.57 6.57 8.88
C LEU A 349 15.38 5.27 8.72
N ILE A 350 14.74 4.14 9.01
CA ILE A 350 15.31 2.81 8.85
C ILE A 350 14.70 2.17 7.61
N ILE A 351 15.52 1.47 6.82
CA ILE A 351 15.07 0.87 5.58
C ILE A 351 15.44 -0.60 5.55
N ALA A 352 14.45 -1.47 5.30
CA ALA A 352 14.69 -2.90 5.24
C ALA A 352 13.94 -3.52 4.06
N GLY A 353 14.60 -4.45 3.38
CA GLY A 353 14.00 -5.12 2.25
C GLY A 353 15.02 -5.50 1.21
N PRO A 354 14.58 -5.95 0.04
CA PRO A 354 15.46 -6.66 -0.89
C PRO A 354 16.43 -5.79 -1.68
N SER A 355 16.35 -4.48 -1.59
CA SER A 355 17.27 -3.62 -2.31
C SER A 355 18.40 -3.11 -1.42
N VAL A 356 18.41 -3.50 -0.15
CA VAL A 356 19.45 -3.02 0.75
C VAL A 356 20.77 -3.70 0.41
N SER A 357 21.84 -2.90 0.33
CA SER A 357 23.18 -3.39 0.04
C SER A 357 23.63 -4.36 1.13
N LYS A 358 24.44 -5.35 0.72
CA LYS A 358 25.08 -6.18 1.72
C LYS A 358 26.21 -5.47 2.44
N GLY A 359 26.54 -4.22 2.08
CA GLY A 359 27.47 -3.45 2.88
C GLY A 359 28.52 -2.77 2.05
N TYR A 360 29.51 -2.20 2.73
CA TYR A 360 30.55 -1.42 2.10
C TYR A 360 31.71 -2.33 1.76
N LEU A 361 32.22 -2.20 0.53
CA LEU A 361 33.35 -3.03 0.13
C LEU A 361 34.61 -2.68 0.94
N ASN A 362 35.19 -3.68 1.58
CA ASN A 362 36.47 -3.58 2.30
C ASN A 362 36.45 -2.51 3.39
N ASN A 363 35.28 -2.31 3.99
CA ASN A 363 35.12 -1.39 5.13
C ASN A 363 34.16 -2.02 6.12
N PRO A 364 34.60 -3.06 6.84
CA PRO A 364 33.68 -3.80 7.73
C PRO A 364 33.18 -2.96 8.89
N GLU A 365 33.91 -1.93 9.30
CA GLU A 365 33.53 -1.14 10.48
C GLU A 365 32.34 -0.25 10.17
N LYS A 366 32.37 0.44 9.02
CA LYS A 366 31.18 1.16 8.56
C LYS A 366 30.01 0.21 8.36
N THR A 367 30.27 -0.99 7.80
CA THR A 367 29.16 -1.91 7.53
C THR A 367 28.50 -2.36 8.83
N ALA A 368 29.30 -2.63 9.87
CA ALA A 368 28.74 -3.09 11.12
C ALA A 368 27.94 -1.98 11.80
N LYS A 369 28.33 -0.72 11.63
CA LYS A 369 27.62 0.36 12.28
C LYS A 369 26.32 0.72 11.55
N ALA A 370 26.29 0.57 10.23
CA ALA A 370 25.16 1.06 9.45
C ALA A 370 24.11 -0.01 9.18
N PHE A 371 24.53 -1.26 8.99
CA PHE A 371 23.67 -2.32 8.47
C PHE A 371 23.34 -3.33 9.56
N PHE A 372 22.06 -3.71 9.63
CA PHE A 372 21.62 -4.71 10.60
C PHE A 372 20.47 -5.49 9.98
N GLU A 373 20.02 -6.51 10.73
CA GLU A 373 18.95 -7.39 10.28
C GLU A 373 17.68 -7.05 11.04
N LEU A 374 16.56 -6.96 10.34
CA LEU A 374 15.28 -6.60 10.93
C LEU A 374 14.24 -7.64 10.53
N ASP A 375 13.86 -8.50 11.48
CA ASP A 375 12.88 -9.56 11.23
C ASP A 375 13.29 -10.39 10.02
N GLY A 376 14.59 -10.66 9.91
CA GLY A 376 15.12 -11.49 8.84
C GLY A 376 15.26 -10.81 7.50
N GLN A 377 15.19 -9.48 7.45
CA GLN A 377 15.45 -8.67 6.27
C GLN A 377 16.69 -7.82 6.50
N PRO A 378 17.53 -7.62 5.48
CA PRO A 378 18.63 -6.65 5.61
C PRO A 378 18.07 -5.25 5.80
N ALA A 379 18.66 -4.51 6.74
CA ALA A 379 18.15 -3.20 7.13
C ALA A 379 19.28 -2.19 7.21
N TYR A 380 18.96 -0.91 6.99
CA TYR A 380 19.96 0.15 6.87
C TYR A 380 19.57 1.36 7.70
N HIS A 381 20.55 1.86 8.47
CA HIS A 381 20.44 3.15 9.14
C HIS A 381 20.77 4.22 8.11
N SER A 382 19.75 4.90 7.59
CA SER A 382 20.01 6.12 6.86
C SER A 382 20.49 7.18 7.85
N GLY A 383 21.26 8.14 7.38
CA GLY A 383 21.57 9.18 8.35
C GLY A 383 20.48 10.23 8.41
N ASP A 384 19.27 9.88 7.99
CA ASP A 384 18.24 10.88 7.69
C ASP A 384 17.19 10.91 8.78
N ILE A 385 16.84 12.10 9.19
CA ILE A 385 15.71 12.34 10.07
C ILE A 385 14.52 12.66 9.20
N GLY A 386 13.37 12.13 9.58
CA GLY A 386 12.13 12.48 8.91
C GLY A 386 10.95 12.01 9.72
N THR A 387 9.78 12.14 9.11
CA THR A 387 8.52 11.79 9.74
C THR A 387 7.69 10.93 8.78
N MET A 388 6.74 10.20 9.36
CA MET A 388 5.77 9.44 8.59
C MET A 388 4.43 9.54 9.28
N ASP A 389 3.39 9.95 8.55
CA ASP A 389 2.05 9.96 9.13
C ASP A 389 1.41 8.59 8.94
N ALA A 390 0.20 8.42 9.49
CA ALA A 390 -0.41 7.09 9.49
C ALA A 390 -0.62 6.56 8.07
N ASP A 391 -0.91 7.47 7.12
CA ASP A 391 -1.08 7.11 5.71
C ASP A 391 0.18 6.62 5.05
N GLY A 392 1.31 6.59 5.76
CA GLY A 392 2.55 6.14 5.16
C GLY A 392 3.29 7.18 4.33
N LEU A 393 2.95 8.45 4.47
CA LEU A 393 3.68 9.50 3.75
C LEU A 393 4.92 9.93 4.54
N PHE A 394 6.07 9.98 3.88
CA PHE A 394 7.31 10.38 4.52
C PHE A 394 7.68 11.81 4.17
N ARG A 395 8.36 12.46 5.12
CA ARG A 395 8.92 13.80 4.92
C ARG A 395 10.36 13.78 5.40
N TYR A 396 11.22 14.52 4.69
CA TYR A 396 12.63 14.64 5.03
C TYR A 396 12.88 15.89 5.88
N ARG A 397 13.62 15.72 6.98
CA ARG A 397 13.72 16.77 7.99
C ARG A 397 15.15 17.04 8.45
N GLY A 398 16.15 16.56 7.72
CA GLY A 398 17.54 16.83 8.03
C GLY A 398 18.31 15.54 8.22
N ARG A 399 19.53 15.69 8.76
CA ARG A 399 20.42 14.56 8.98
C ARG A 399 20.81 14.46 10.45
N VAL A 400 21.01 13.23 10.92
CA VAL A 400 21.43 13.01 12.31
C VAL A 400 22.84 13.53 12.52
N ASP A 401 23.63 13.64 11.46
CA ASP A 401 24.97 14.20 11.54
C ASP A 401 24.90 15.73 11.53
CA LYS B 3 -16.43 -20.97 4.88
C LYS B 3 -16.85 -20.22 3.64
N ASN B 4 -18.11 -20.49 3.26
CA ASN B 4 -18.74 -19.98 2.06
C ASN B 4 -18.48 -18.49 1.83
N ILE B 5 -18.69 -17.64 2.84
CA ILE B 5 -18.62 -16.21 2.53
C ILE B 5 -17.18 -15.80 2.22
N ILE B 6 -16.17 -16.52 2.75
CA ILE B 6 -14.79 -16.27 2.36
C ILE B 6 -14.54 -16.75 0.92
N THR B 7 -15.04 -17.95 0.60
CA THR B 7 -14.96 -18.43 -0.78
C THR B 7 -15.62 -17.45 -1.76
N THR B 8 -16.75 -16.86 -1.35
CA THR B 8 -17.45 -15.92 -2.22
C THR B 8 -16.61 -14.68 -2.50
N ILE B 9 -16.00 -14.10 -1.46
CA ILE B 9 -15.19 -12.92 -1.70
C ILE B 9 -13.93 -13.28 -2.49
N ASP B 10 -13.33 -14.43 -2.22
CA ASP B 10 -12.16 -14.86 -2.98
C ASP B 10 -12.48 -14.97 -4.47
N ASP B 11 -13.65 -15.51 -4.82
CA ASP B 11 -13.99 -15.72 -6.21
C ASP B 11 -14.15 -14.42 -6.99
N TYR B 12 -14.41 -13.31 -6.31
CA TYR B 12 -14.52 -12.05 -7.03
C TYR B 12 -13.17 -11.60 -7.57
N ALA B 13 -12.08 -11.95 -6.88
CA ALA B 13 -10.75 -11.72 -7.45
C ALA B 13 -10.52 -12.56 -8.68
N ARG B 14 -11.26 -13.67 -8.82
CA ARG B 14 -11.14 -14.45 -10.04
C ARG B 14 -11.91 -13.79 -11.17
N THR B 15 -13.16 -13.40 -10.91
CA THR B 15 -14.10 -12.95 -11.94
C THR B 15 -14.06 -11.44 -12.15
N GLN B 16 -13.70 -10.66 -11.13
CA GLN B 16 -13.61 -9.20 -11.26
C GLN B 16 -12.36 -8.68 -10.55
N PRO B 17 -11.18 -9.03 -11.08
CA PRO B 17 -9.95 -8.78 -10.31
C PRO B 17 -9.60 -7.32 -10.16
N ASN B 18 -9.77 -6.53 -11.22
CA ASN B 18 -9.42 -5.12 -11.19
C ASN B 18 -10.53 -4.23 -10.64
N ASN B 19 -11.69 -4.78 -10.32
CA ASN B 19 -12.74 -3.98 -9.72
C ASN B 19 -12.27 -3.45 -8.37
N VAL B 20 -12.38 -2.12 -8.19
CA VAL B 20 -12.08 -1.48 -6.90
C VAL B 20 -13.02 -2.01 -5.84
N VAL B 21 -12.45 -2.48 -4.74
CA VAL B 21 -13.25 -2.92 -3.59
C VAL B 21 -13.20 -1.92 -2.42
N TYR B 22 -12.25 -0.98 -2.41
CA TYR B 22 -12.08 -0.09 -1.27
C TYR B 22 -11.55 1.23 -1.78
N ASP B 23 -12.10 2.31 -1.24
CA ASP B 23 -11.80 3.65 -1.71
C ASP B 23 -11.83 4.59 -0.52
N VAL B 24 -10.69 5.20 -0.21
CA VAL B 24 -10.62 6.27 0.76
C VAL B 24 -10.22 7.51 -0.01
N GLN B 25 -11.22 8.30 -0.39
CA GLN B 25 -11.08 9.50 -1.20
C GLN B 25 -10.01 9.34 -2.28
N GLY B 26 -10.25 8.38 -3.15
CA GLY B 26 -9.42 8.21 -4.33
C GLY B 26 -8.32 7.18 -4.21
N VAL B 27 -7.86 6.87 -3.00
CA VAL B 27 -6.92 5.76 -2.82
C VAL B 27 -7.70 4.46 -2.87
N THR B 28 -7.32 3.57 -3.79
CA THR B 28 -8.15 2.43 -4.12
C THR B 28 -7.37 1.13 -3.99
N HIS B 29 -8.11 0.05 -3.75
CA HIS B 29 -7.59 -1.31 -3.86
C HIS B 29 -8.64 -2.18 -4.51
N THR B 30 -8.17 -3.26 -5.13
CA THR B 30 -8.98 -4.11 -5.99
C THR B 30 -9.26 -5.46 -5.33
N TYR B 31 -10.26 -6.17 -5.88
CA TYR B 31 -10.60 -7.50 -5.40
C TYR B 31 -9.39 -8.43 -5.44
N ALA B 32 -8.54 -8.30 -6.47
CA ALA B 32 -7.37 -9.16 -6.58
C ALA B 32 -6.34 -8.82 -5.52
N GLU B 33 -6.14 -7.53 -5.26
CA GLU B 33 -5.26 -7.14 -4.16
C GLU B 33 -5.81 -7.65 -2.83
N LEU B 34 -7.14 -7.54 -2.63
CA LEU B 34 -7.75 -8.07 -1.43
C LEU B 34 -7.48 -9.57 -1.26
N LYS B 35 -7.57 -10.35 -2.35
CA LYS B 35 -7.22 -11.76 -2.23
C LYS B 35 -5.74 -11.93 -1.92
N ALA B 36 -4.89 -11.12 -2.55
CA ALA B 36 -3.44 -11.28 -2.37
C ALA B 36 -3.04 -10.97 -0.94
N TYR B 37 -3.51 -9.83 -0.41
CA TYR B 37 -3.12 -9.43 0.94
C TYR B 37 -3.59 -10.46 1.95
N SER B 38 -4.85 -10.92 1.84
CA SER B 38 -5.38 -11.84 2.83
C SER B 38 -4.75 -13.23 2.70
N ASP B 39 -4.43 -13.68 1.46
CA ASP B 39 -3.69 -14.92 1.28
C ASP B 39 -2.33 -14.85 1.97
N ALA B 40 -1.56 -13.80 1.68
CA ALA B 40 -0.23 -13.65 2.27
C ALA B 40 -0.30 -13.63 3.80
N LEU B 41 -1.27 -12.91 4.35
CA LEU B 41 -1.37 -12.82 5.81
C LEU B 41 -1.74 -14.17 6.41
N ALA B 42 -2.73 -14.85 5.83
CA ALA B 42 -3.14 -16.16 6.34
C ALA B 42 -1.98 -17.18 6.26
N ALA B 43 -1.28 -17.20 5.13
CA ALA B 43 -0.09 -18.06 5.02
C ALA B 43 0.93 -17.72 6.10
N HIS B 44 1.12 -16.43 6.38
CA HIS B 44 2.05 -16.06 7.45
C HIS B 44 1.54 -16.55 8.80
N LEU B 45 0.21 -16.49 9.00
CA LEU B 45 -0.38 -16.93 10.26
C LEU B 45 -0.26 -18.44 10.47
N ASP B 46 -0.42 -19.23 9.40
CA ASP B 46 -0.26 -20.67 9.54
C ASP B 46 1.12 -21.00 10.06
N THR B 47 2.12 -20.23 9.62
CA THR B 47 3.52 -20.48 9.98
C THR B 47 3.77 -20.30 11.48
N LEU B 48 3.03 -19.38 12.13
CA LEU B 48 3.55 -18.69 13.31
C LEU B 48 3.75 -19.57 14.54
N ASP B 49 2.97 -20.65 14.72
CA ASP B 49 3.03 -21.42 15.97
C ASP B 49 2.52 -20.61 17.15
N LEU B 50 1.24 -20.30 17.11
CA LEU B 50 0.48 -19.66 18.18
C LEU B 50 -0.43 -20.69 18.80
N PRO B 51 -1.09 -20.37 19.91
CA PRO B 51 -2.12 -21.28 20.40
C PRO B 51 -3.15 -21.52 19.31
N ALA B 52 -3.60 -22.77 19.19
CA ALA B 52 -4.57 -23.11 18.17
C ALA B 52 -5.91 -22.48 18.48
N LYS B 53 -6.62 -22.06 17.42
CA LYS B 53 -8.02 -21.63 17.52
C LYS B 53 -8.24 -20.27 18.20
N ASP B 54 -7.27 -19.77 18.95
CA ASP B 54 -7.51 -18.55 19.69
C ASP B 54 -7.73 -17.35 18.76
N PRO B 55 -8.60 -16.41 19.15
CA PRO B 55 -8.86 -15.22 18.31
C PRO B 55 -7.68 -14.25 18.24
N ILE B 56 -7.78 -13.33 17.29
CA ILE B 56 -6.75 -12.32 17.04
C ILE B 56 -7.41 -10.95 17.15
N ILE B 57 -6.81 -10.07 17.92
CA ILE B 57 -7.25 -8.68 17.95
C ILE B 57 -6.72 -7.98 16.69
N VAL B 58 -7.57 -7.16 16.05
CA VAL B 58 -7.16 -6.39 14.89
C VAL B 58 -7.44 -4.92 15.18
N PHE B 59 -6.37 -4.13 15.31
CA PHE B 59 -6.45 -2.77 15.84
C PHE B 59 -6.16 -1.78 14.71
N GLY B 60 -7.11 -0.90 14.44
CA GLY B 60 -6.89 0.05 13.37
C GLY B 60 -8.08 0.96 13.20
N GLY B 61 -8.10 1.69 12.10
CA GLY B 61 -9.18 2.59 11.79
C GLY B 61 -10.03 2.09 10.64
N GLN B 62 -10.04 2.86 9.54
CA GLN B 62 -10.93 2.63 8.40
C GLN B 62 -10.17 2.34 7.11
N THR B 63 -8.91 1.94 7.20
CA THR B 63 -8.17 1.73 5.97
C THR B 63 -8.54 0.38 5.36
N PHE B 64 -8.15 0.21 4.09
CA PHE B 64 -8.34 -1.06 3.41
C PHE B 64 -7.61 -2.18 4.12
N GLU B 65 -6.48 -1.89 4.74
CA GLU B 65 -5.73 -2.91 5.48
C GLU B 65 -6.58 -3.55 6.56
N MET B 66 -7.56 -2.84 7.10
CA MET B 66 -8.46 -3.43 8.09
C MET B 66 -9.19 -4.62 7.49
N ILE B 67 -9.81 -4.41 6.33
CA ILE B 67 -10.60 -5.47 5.71
C ILE B 67 -9.69 -6.62 5.28
N ALA B 68 -8.51 -6.30 4.78
CA ALA B 68 -7.61 -7.36 4.35
C ALA B 68 -7.12 -8.17 5.54
N THR B 69 -6.86 -7.52 6.67
CA THR B 69 -6.47 -8.27 7.86
C THR B 69 -7.61 -9.17 8.35
N PHE B 70 -8.86 -8.65 8.34
CA PHE B 70 -10.02 -9.46 8.72
C PHE B 70 -10.07 -10.75 7.92
N LEU B 71 -9.97 -10.64 6.59
CA LEU B 71 -10.04 -11.82 5.75
C LEU B 71 -8.81 -12.71 5.94
N GLY B 72 -7.64 -12.09 6.15
CA GLY B 72 -6.46 -12.87 6.44
C GLY B 72 -6.60 -13.69 7.70
N VAL B 73 -7.17 -13.10 8.75
CA VAL B 73 -7.39 -13.85 9.98
C VAL B 73 -8.33 -15.02 9.73
N VAL B 74 -9.52 -14.75 9.20
CA VAL B 74 -10.48 -15.85 9.05
C VAL B 74 -10.01 -16.87 8.01
N LYS B 75 -9.15 -16.48 7.06
CA LYS B 75 -8.62 -17.49 6.12
C LYS B 75 -7.67 -18.46 6.81
N SER B 76 -6.94 -18.01 7.85
CA SER B 76 -6.14 -18.88 8.70
C SER B 76 -6.98 -19.76 9.62
N GLY B 77 -8.30 -19.55 9.66
CA GLY B 77 -9.19 -20.31 10.50
C GLY B 77 -9.47 -19.72 11.87
N ARG B 78 -9.16 -18.45 12.12
CA ARG B 78 -9.44 -17.83 13.41
C ARG B 78 -10.41 -16.68 13.27
N ALA B 79 -11.04 -16.33 14.39
CA ALA B 79 -11.91 -15.15 14.46
C ALA B 79 -11.09 -13.92 14.81
N TYR B 80 -11.47 -12.77 14.23
CA TYR B 80 -10.86 -11.51 14.57
C TYR B 80 -11.70 -10.75 15.59
N ILE B 81 -11.03 -9.88 16.34
CA ILE B 81 -11.67 -9.01 17.33
C ILE B 81 -11.36 -7.58 16.94
N PRO B 82 -12.27 -6.87 16.27
CA PRO B 82 -11.95 -5.54 15.77
C PRO B 82 -11.99 -4.49 16.87
N ILE B 83 -10.92 -3.69 16.95
CA ILE B 83 -10.78 -2.63 17.95
C ILE B 83 -10.31 -1.41 17.18
N ASP B 84 -10.99 -0.29 17.39
CA ASP B 84 -10.86 0.89 16.57
C ASP B 84 -10.03 1.96 17.28
N THR B 85 -9.32 2.78 16.48
CA THR B 85 -8.39 3.78 17.03
C THR B 85 -9.07 4.92 17.77
N HIS B 86 -10.39 5.11 17.64
CA HIS B 86 -11.02 6.21 18.37
C HIS B 86 -11.27 5.89 19.83
N SER B 87 -11.12 4.72 20.21
CA SER B 87 -11.53 4.32 21.54
C SER B 87 -10.39 4.49 22.55
N PRO B 88 -10.74 4.83 23.79
CA PRO B 88 -9.71 5.05 24.82
C PRO B 88 -8.89 3.78 25.08
N ASN B 89 -7.64 3.99 25.50
CA ASN B 89 -6.71 2.88 25.68
C ASN B 89 -7.25 1.82 26.60
N GLU B 90 -8.08 2.21 27.56
CA GLU B 90 -8.73 1.28 28.50
C GLU B 90 -9.34 0.10 27.78
N ARG B 91 -9.91 0.34 26.60
CA ARG B 91 -10.66 -0.71 25.93
C ARG B 91 -9.73 -1.78 25.36
N LEU B 92 -8.60 -1.37 24.77
CA LEU B 92 -7.67 -2.39 24.29
C LEU B 92 -7.09 -3.18 25.45
N THR B 93 -6.85 -2.52 26.59
CA THR B 93 -6.29 -3.24 27.74
C THR B 93 -7.29 -4.28 28.24
N MET B 94 -8.55 -3.89 28.41
CA MET B 94 -9.54 -4.83 28.93
C MET B 94 -9.79 -5.98 27.96
N ILE B 95 -9.93 -5.69 26.66
CA ILE B 95 -10.27 -6.76 25.72
C ILE B 95 -9.11 -7.72 25.59
N ASN B 96 -7.89 -7.21 25.61
CA ASN B 96 -6.74 -8.11 25.59
C ASN B 96 -6.77 -9.04 26.81
N GLU B 97 -7.10 -8.50 27.98
CA GLU B 97 -7.15 -9.31 29.18
C GLU B 97 -8.27 -10.34 29.11
N ILE B 98 -9.43 -9.94 28.63
CA ILE B 98 -10.59 -10.83 28.63
C ILE B 98 -10.38 -11.96 27.65
N ALA B 99 -9.92 -11.63 26.43
CA ALA B 99 -9.99 -12.50 25.28
C ALA B 99 -8.74 -13.37 25.12
N LYS B 100 -7.67 -13.03 25.84
CA LYS B 100 -6.38 -13.68 25.79
C LYS B 100 -6.08 -14.10 24.37
N PRO B 101 -5.91 -13.17 23.44
CA PRO B 101 -5.86 -13.54 22.03
C PRO B 101 -4.54 -14.20 21.66
N ALA B 102 -4.57 -14.93 20.56
CA ALA B 102 -3.32 -15.45 20.01
C ALA B 102 -2.33 -14.33 19.70
N ALA B 103 -2.83 -13.18 19.26
CA ALA B 103 -1.96 -12.11 18.79
C ALA B 103 -2.76 -10.82 18.69
N VAL B 104 -2.03 -9.72 18.52
CA VAL B 104 -2.60 -8.43 18.10
C VAL B 104 -1.98 -8.04 16.77
N ILE B 105 -2.83 -7.73 15.79
CA ILE B 105 -2.35 -7.16 14.53
C ILE B 105 -2.62 -5.66 14.56
N ALA B 106 -1.56 -4.87 14.66
CA ALA B 106 -1.62 -3.42 14.75
C ALA B 106 -1.67 -2.85 13.33
N VAL B 107 -2.89 -2.71 12.79
CA VAL B 107 -3.04 -2.06 11.49
C VAL B 107 -2.67 -0.59 11.58
N ALA B 108 -3.00 0.05 12.70
CA ALA B 108 -2.38 1.31 13.12
C ALA B 108 -1.64 1.04 14.42
N ASP B 109 -0.66 1.90 14.72
CA ASP B 109 0.18 1.70 15.91
C ASP B 109 -0.69 1.55 17.15
N LEU B 110 -0.34 0.59 18.01
CA LEU B 110 -1.08 0.46 19.26
C LEU B 110 -0.85 1.70 20.13
N PRO B 111 -1.87 2.20 20.84
CA PRO B 111 -1.69 3.38 21.69
C PRO B 111 -1.30 3.03 23.12
N THR B 112 -1.38 1.75 23.48
CA THR B 112 -0.91 1.22 24.73
C THR B 112 -0.45 -0.22 24.50
N GLY B 113 0.00 -0.85 25.56
CA GLY B 113 0.50 -2.19 25.44
C GLY B 113 -0.55 -3.25 25.65
N VAL B 114 -0.22 -4.46 25.21
CA VAL B 114 -1.13 -5.59 25.27
C VAL B 114 -0.45 -6.73 26.03
N GLY B 115 0.40 -6.39 26.99
CA GLY B 115 0.91 -7.39 27.90
C GLY B 115 1.84 -8.39 27.23
N THR B 116 1.53 -9.66 27.36
CA THR B 116 2.35 -10.70 26.74
C THR B 116 1.89 -11.09 25.35
N THR B 117 0.82 -10.50 24.85
CA THR B 117 0.27 -10.88 23.55
C THR B 117 1.23 -10.49 22.43
N PRO B 118 1.60 -11.42 21.55
CA PRO B 118 2.47 -11.07 20.41
C PRO B 118 1.83 -10.03 19.52
N VAL B 119 2.65 -9.14 18.97
CA VAL B 119 2.16 -8.02 18.17
C VAL B 119 2.79 -8.09 16.78
N ILE B 120 1.96 -7.90 15.75
CA ILE B 120 2.42 -7.62 14.39
C ILE B 120 2.20 -6.12 14.15
N THR B 121 3.30 -5.37 14.09
CA THR B 121 3.26 -3.94 13.92
C THR B 121 2.87 -3.57 12.49
N PRO B 122 2.45 -2.31 12.24
CA PRO B 122 2.00 -1.93 10.90
C PRO B 122 3.02 -2.16 9.79
N ASP B 123 4.28 -1.82 10.01
CA ASP B 123 5.31 -2.11 9.01
C ASP B 123 5.53 -3.61 8.85
N GLN B 124 5.33 -4.39 9.91
CA GLN B 124 5.43 -5.84 9.76
C GLN B 124 4.29 -6.36 8.90
N LEU B 125 3.09 -5.80 9.09
CA LEU B 125 1.93 -6.17 8.29
C LEU B 125 2.08 -5.72 6.84
N ALA B 126 2.57 -4.49 6.62
CA ALA B 126 2.78 -4.04 5.25
C ALA B 126 3.74 -4.96 4.51
N ALA B 127 4.77 -5.46 5.21
CA ALA B 127 5.73 -6.36 4.59
C ALA B 127 5.13 -7.73 4.36
N ILE B 128 4.25 -8.20 5.25
CA ILE B 128 3.59 -9.46 4.99
C ILE B 128 2.69 -9.34 3.77
N PHE B 129 1.97 -8.23 3.65
CA PHE B 129 1.06 -8.02 2.53
C PHE B 129 1.79 -7.98 1.21
N ALA B 130 3.06 -7.56 1.23
CA ALA B 130 3.81 -7.34 0.00
C ALA B 130 4.52 -8.58 -0.52
N THR B 131 4.60 -9.67 0.27
CA THR B 131 5.23 -10.89 -0.21
C THR B 131 4.18 -11.77 -0.87
N PRO B 132 4.20 -11.97 -2.17
CA PRO B 132 3.11 -12.68 -2.82
C PRO B 132 3.19 -14.17 -2.50
N VAL B 133 2.03 -14.79 -2.36
CA VAL B 133 1.91 -16.16 -1.89
C VAL B 133 0.91 -16.92 -2.76
N ASP B 134 1.20 -18.19 -2.99
CA ASP B 134 0.24 -19.09 -3.62
C ASP B 134 -0.42 -19.85 -2.49
N TYR B 135 -1.55 -19.33 -2.00
CA TYR B 135 -2.16 -19.85 -0.79
C TYR B 135 -3.26 -20.86 -1.10
N GLN B 136 -3.25 -21.97 -0.35
CA GLN B 136 -4.32 -22.97 -0.40
C GLN B 136 -5.19 -22.80 0.85
N ALA B 137 -6.41 -22.30 0.67
CA ALA B 137 -7.28 -21.92 1.80
C ALA B 137 -8.18 -23.10 2.17
N ASP B 138 -7.55 -24.13 2.73
CA ASP B 138 -8.24 -25.39 3.02
C ASP B 138 -8.76 -25.47 4.45
N HIS B 139 -8.57 -24.42 5.25
CA HIS B 139 -9.01 -24.42 6.65
C HIS B 139 -9.57 -23.07 7.04
N VAL B 140 -10.30 -22.42 6.14
CA VAL B 140 -10.95 -21.16 6.48
C VAL B 140 -12.07 -21.41 7.49
N VAL B 141 -12.47 -20.34 8.18
CA VAL B 141 -13.55 -20.39 9.17
C VAL B 141 -14.81 -20.87 8.46
N SER B 142 -15.49 -21.88 9.04
CA SER B 142 -16.73 -22.43 8.49
C SER B 142 -17.70 -22.69 9.62
N GLY B 143 -18.97 -22.85 9.25
CA GLY B 143 -19.94 -23.50 10.12
C GLY B 143 -20.16 -22.70 11.38
N ASP B 144 -20.06 -23.37 12.53
CA ASP B 144 -20.27 -22.74 13.83
C ASP B 144 -18.98 -22.21 14.45
N ASP B 145 -17.85 -22.27 13.74
CA ASP B 145 -16.62 -21.67 14.23
C ASP B 145 -16.78 -20.16 14.29
N ASN B 146 -16.28 -19.56 15.37
CA ASN B 146 -16.27 -18.09 15.44
C ASN B 146 -15.68 -17.51 14.18
N TYR B 147 -16.39 -16.53 13.61
CA TYR B 147 -15.89 -15.70 12.51
C TYR B 147 -15.31 -14.38 13.01
N TYR B 148 -16.08 -13.63 13.81
CA TYR B 148 -15.59 -12.42 14.47
C TYR B 148 -16.18 -12.41 15.88
N ILE B 149 -15.54 -11.63 16.76
CA ILE B 149 -15.98 -11.45 18.14
C ILE B 149 -15.95 -9.96 18.40
N ILE B 150 -17.12 -9.35 18.50
CA ILE B 150 -17.22 -7.91 18.71
C ILE B 150 -17.61 -7.70 20.17
N PHE B 151 -16.85 -6.87 20.88
CA PHE B 151 -17.13 -6.61 22.27
C PHE B 151 -18.18 -5.51 22.43
N THR B 152 -19.13 -5.73 23.34
CA THR B 152 -20.25 -4.81 23.47
C THR B 152 -19.76 -3.43 23.92
N SER B 153 -20.61 -2.43 23.67
CA SER B 153 -20.25 -1.06 24.00
C SER B 153 -20.17 -0.89 25.52
N GLY B 154 -19.47 0.16 25.94
CA GLY B 154 -19.37 0.44 27.36
C GLY B 154 -20.58 1.08 27.98
N THR B 155 -21.54 1.56 27.18
CA THR B 155 -22.74 2.20 27.75
C THR B 155 -23.58 1.19 28.53
N THR B 156 -23.61 -0.07 28.05
CA THR B 156 -24.05 -1.15 28.92
C THR B 156 -22.94 -1.50 29.91
N GLY B 157 -22.90 -2.71 30.43
CA GLY B 157 -21.87 -3.00 31.40
C GLY B 157 -20.46 -3.06 30.82
N MET B 158 -19.57 -3.72 31.57
CA MET B 158 -18.25 -4.06 31.05
C MET B 158 -18.38 -4.74 29.68
N PRO B 159 -17.49 -4.44 28.74
CA PRO B 159 -17.60 -5.07 27.42
C PRO B 159 -17.56 -6.58 27.51
N LYS B 160 -18.52 -7.19 26.83
CA LYS B 160 -18.63 -8.63 26.65
C LYS B 160 -18.29 -8.97 25.20
N GLY B 161 -17.68 -10.13 24.99
CA GLY B 161 -17.23 -10.50 23.65
C GLY B 161 -18.22 -11.39 22.92
N VAL B 162 -19.03 -10.82 22.02
CA VAL B 162 -20.07 -11.59 21.33
C VAL B 162 -19.44 -12.45 20.23
N GLN B 163 -19.55 -13.77 20.36
CA GLN B 163 -18.97 -14.68 19.38
C GLN B 163 -19.96 -14.94 18.23
N ILE B 164 -19.58 -14.56 17.02
CA ILE B 164 -20.41 -14.67 15.82
C ILE B 164 -19.76 -15.68 14.91
N SER B 165 -20.49 -16.74 14.57
CA SER B 165 -19.89 -17.78 13.74
C SER B 165 -20.04 -17.43 12.27
N HIS B 166 -19.36 -18.21 11.42
CA HIS B 166 -19.54 -18.05 9.99
C HIS B 166 -21.02 -18.14 9.62
N ASP B 167 -21.74 -19.08 10.25
CA ASP B 167 -23.12 -19.35 9.88
C ASP B 167 -24.09 -18.35 10.50
N ASN B 168 -23.79 -17.85 11.71
CA ASN B 168 -24.45 -16.65 12.20
C ASN B 168 -24.35 -15.54 11.17
N LEU B 169 -23.13 -15.26 10.70
CA LEU B 169 -22.94 -14.13 9.80
C LEU B 169 -23.71 -14.31 8.49
N VAL B 170 -23.66 -15.50 7.90
CA VAL B 170 -24.35 -15.75 6.64
C VAL B 170 -25.87 -15.62 6.81
N SER B 171 -26.42 -16.07 7.96
CA SER B 171 -27.84 -15.89 8.21
C SER B 171 -28.22 -14.41 8.12
N TYR B 172 -27.37 -13.52 8.64
CA TYR B 172 -27.66 -12.09 8.56
C TYR B 172 -27.43 -11.58 7.13
N VAL B 173 -26.36 -12.04 6.49
CA VAL B 173 -26.00 -11.52 5.18
C VAL B 173 -27.01 -11.95 4.13
N ASP B 174 -27.48 -13.19 4.20
CA ASP B 174 -28.51 -13.68 3.30
C ASP B 174 -29.77 -12.85 3.41
N TRP B 175 -30.10 -12.39 4.62
CA TRP B 175 -31.25 -11.50 4.81
C TRP B 175 -31.03 -10.15 4.14
N MET B 176 -29.83 -9.58 4.29
CA MET B 176 -29.58 -8.28 3.68
C MET B 176 -29.59 -8.37 2.17
N LEU B 177 -29.22 -9.52 1.62
CA LEU B 177 -29.25 -9.82 0.18
C LEU B 177 -30.63 -10.23 -0.32
N SER B 178 -31.65 -10.20 0.52
CA SER B 178 -33.00 -10.59 0.14
C SER B 178 -33.79 -9.43 -0.48
N ASP B 179 -35.05 -9.71 -0.79
CA ASP B 179 -36.00 -8.78 -1.36
C ASP B 179 -36.60 -7.85 -0.33
N ASP B 180 -36.38 -8.11 0.95
CA ASP B 180 -36.76 -7.13 1.97
C ASP B 180 -36.12 -5.78 1.69
N PHE B 181 -34.87 -5.78 1.25
CA PHE B 181 -34.10 -4.56 1.00
C PHE B 181 -33.85 -4.27 -0.47
N GLY B 182 -33.83 -5.29 -1.33
CA GLY B 182 -33.67 -5.04 -2.74
C GLY B 182 -32.37 -4.35 -3.09
N LEU B 183 -31.30 -4.69 -2.39
CA LEU B 183 -30.02 -4.07 -2.64
C LEU B 183 -29.54 -4.40 -4.05
N PRO B 184 -28.84 -3.48 -4.70
CA PRO B 184 -28.35 -3.73 -6.05
C PRO B 184 -27.02 -4.50 -6.05
N ASP B 185 -26.75 -5.18 -7.15
CA ASP B 185 -25.48 -5.87 -7.33
C ASP B 185 -24.34 -4.84 -7.38
N GLN B 186 -23.15 -5.29 -7.00
CA GLN B 186 -21.95 -4.47 -6.90
C GLN B 186 -22.30 -3.04 -6.41
N PRO B 187 -22.83 -2.94 -5.18
CA PRO B 187 -23.21 -1.62 -4.68
C PRO B 187 -22.02 -0.81 -4.16
N ASN B 188 -22.09 0.49 -4.38
CA ASN B 188 -21.11 1.42 -3.82
C ASN B 188 -21.63 1.84 -2.46
N SER B 189 -21.00 1.35 -1.41
CA SER B 189 -21.53 1.48 -0.06
C SER B 189 -20.63 2.34 0.80
N LEU B 190 -21.23 3.24 1.58
CA LEU B 190 -20.46 3.99 2.56
C LEU B 190 -19.98 3.04 3.64
N SER B 191 -18.72 3.19 4.05
CA SER B 191 -18.20 2.53 5.24
C SER B 191 -17.82 3.63 6.24
N GLN B 192 -18.74 3.98 7.16
CA GLN B 192 -18.48 5.01 8.18
C GLN B 192 -18.40 4.48 9.61
N PRO B 193 -19.34 3.67 10.10
CA PRO B 193 -19.21 3.13 11.48
C PRO B 193 -17.90 2.39 11.65
N PRO B 194 -17.22 2.59 12.78
CA PRO B 194 -15.95 1.91 13.01
C PRO B 194 -16.12 0.40 12.96
N TYR B 195 -15.09 -0.31 12.51
CA TYR B 195 -15.21 -1.75 12.37
C TYR B 195 -15.31 -2.47 13.72
N SER B 196 -15.13 -1.77 14.85
CA SER B 196 -15.37 -2.37 16.17
C SER B 196 -16.84 -2.42 16.54
N PHE B 197 -17.69 -1.68 15.81
CA PHE B 197 -19.12 -1.68 16.02
C PHE B 197 -19.80 -2.70 15.12
N ASP B 198 -20.79 -3.39 15.67
CA ASP B 198 -21.62 -4.35 14.93
C ASP B 198 -22.20 -3.74 13.66
N LEU B 199 -22.53 -2.44 13.70
CA LEU B 199 -23.17 -1.76 12.57
C LEU B 199 -22.31 -1.78 11.32
N SER B 200 -20.98 -1.79 11.45
CA SER B 200 -20.13 -1.81 10.26
C SER B 200 -20.37 -3.05 9.42
N VAL B 201 -20.70 -4.19 10.06
CA VAL B 201 -21.03 -5.40 9.32
C VAL B 201 -22.13 -5.15 8.29
N MET B 202 -23.07 -4.25 8.62
CA MET B 202 -24.17 -3.96 7.71
C MET B 202 -23.68 -3.36 6.39
N ASP B 203 -22.58 -2.59 6.41
CA ASP B 203 -22.04 -2.20 5.10
C ASP B 203 -20.97 -3.15 4.58
N VAL B 204 -20.08 -3.66 5.43
CA VAL B 204 -18.94 -4.44 4.91
C VAL B 204 -19.43 -5.69 4.18
N TYR B 205 -20.24 -6.51 4.84
CA TYR B 205 -20.40 -7.88 4.35
C TYR B 205 -21.52 -8.08 3.32
N PRO B 206 -22.67 -7.39 3.38
CA PRO B 206 -23.52 -7.37 2.18
C PRO B 206 -22.78 -6.86 0.95
N THR B 207 -21.99 -5.78 1.12
CA THR B 207 -21.30 -5.18 -0.02
C THR B 207 -20.31 -6.15 -0.65
N LEU B 208 -19.46 -6.77 0.17
CA LEU B 208 -18.48 -7.73 -0.33
C LEU B 208 -19.17 -8.93 -0.97
N ALA B 209 -20.23 -9.45 -0.33
CA ALA B 209 -20.96 -10.58 -0.89
C ALA B 209 -21.48 -10.29 -2.28
N LEU B 210 -21.95 -9.06 -2.50
CA LEU B 210 -22.48 -8.64 -3.79
C LEU B 210 -21.40 -8.07 -4.71
N GLY B 211 -20.14 -8.17 -4.32
CA GLY B 211 -19.05 -7.71 -5.16
C GLY B 211 -18.99 -6.21 -5.35
N GLY B 212 -19.48 -5.45 -4.37
CA GLY B 212 -19.48 -4.01 -4.47
C GLY B 212 -18.17 -3.39 -4.01
N THR B 213 -18.25 -2.11 -3.65
CA THR B 213 -17.12 -1.28 -3.28
C THR B 213 -17.48 -0.51 -2.01
N LEU B 214 -16.57 -0.49 -1.04
CA LEU B 214 -16.74 0.32 0.17
C LEU B 214 -16.00 1.65 0.03
N TYR B 215 -16.69 2.75 0.34
CA TYR B 215 -16.13 4.11 0.35
C TYR B 215 -16.02 4.59 1.79
N ALA B 216 -14.79 4.88 2.24
CA ALA B 216 -14.54 5.30 3.61
C ALA B 216 -13.79 6.62 3.61
N LEU B 217 -13.79 7.28 4.76
CA LEU B 217 -13.07 8.54 4.87
C LEU B 217 -12.00 8.44 5.95
N PRO B 218 -10.84 9.08 5.76
CA PRO B 218 -9.76 8.94 6.73
C PRO B 218 -10.11 9.62 8.05
N LYS B 219 -9.37 9.22 9.09
CA LYS B 219 -9.67 9.68 10.44
C LYS B 219 -9.72 11.20 10.50
N ALA B 220 -8.83 11.88 9.75
CA ALA B 220 -8.78 13.34 9.75
C ALA B 220 -10.09 13.95 9.30
N VAL B 221 -10.77 13.30 8.34
CA VAL B 221 -11.96 13.90 7.76
C VAL B 221 -13.15 13.70 8.67
N THR B 222 -13.20 12.56 9.33
CA THR B 222 -14.31 12.26 10.23
C THR B 222 -14.17 13.00 11.57
N ASP B 223 -12.94 13.30 11.99
CA ASP B 223 -12.74 14.08 13.21
C ASP B 223 -13.21 15.53 13.10
N ASP B 224 -13.39 16.02 11.88
CA ASP B 224 -13.67 17.44 11.61
C ASP B 224 -14.90 17.50 10.72
N PHE B 225 -16.04 17.90 11.28
CA PHE B 225 -17.29 17.91 10.50
C PHE B 225 -17.22 18.82 9.30
N LYS B 226 -16.39 19.88 9.34
CA LYS B 226 -16.29 20.71 8.13
C LYS B 226 -15.72 19.88 6.98
N GLN B 227 -14.65 19.13 7.25
CA GLN B 227 -14.05 18.30 6.21
C GLN B 227 -15.01 17.19 5.77
N LEU B 228 -15.66 16.53 6.72
CA LEU B 228 -16.69 15.57 6.38
C LEU B 228 -17.76 16.19 5.47
N PHE B 229 -18.35 17.29 5.92
CA PHE B 229 -19.42 17.92 5.15
C PHE B 229 -19.00 18.16 3.71
N ALA B 230 -17.76 18.63 3.51
CA ALA B 230 -17.23 18.85 2.17
C ALA B 230 -17.03 17.54 1.40
N ALA B 231 -16.76 16.43 2.10
CA ALA B 231 -16.58 15.16 1.39
C ALA B 231 -17.92 14.57 0.96
N LEU B 232 -18.98 14.79 1.75
CA LEU B 232 -20.31 14.21 1.55
C LEU B 232 -20.77 14.28 0.10
N PRO B 233 -20.83 15.47 -0.54
CA PRO B 233 -21.40 15.53 -1.90
C PRO B 233 -20.58 14.81 -2.95
N THR B 234 -19.35 14.39 -2.67
CA THR B 234 -18.51 13.72 -3.64
C THR B 234 -18.54 12.20 -3.50
N LEU B 235 -19.41 11.68 -2.63
CA LEU B 235 -19.49 10.24 -2.43
C LEU B 235 -20.39 9.63 -3.49
N PRO B 236 -19.87 8.73 -4.34
CA PRO B 236 -20.68 8.07 -5.38
C PRO B 236 -21.38 6.81 -4.89
N ILE B 237 -22.01 6.88 -3.74
CA ILE B 237 -22.57 5.71 -3.06
C ILE B 237 -24.04 5.54 -3.41
N ASN B 238 -24.47 4.27 -3.44
CA ASN B 238 -25.88 3.87 -3.51
C ASN B 238 -26.46 3.54 -2.14
N VAL B 239 -25.65 3.00 -1.24
CA VAL B 239 -26.10 2.52 0.05
C VAL B 239 -25.40 3.32 1.13
N TRP B 240 -26.19 3.86 2.05
CA TRP B 240 -25.72 4.57 3.22
C TRP B 240 -26.12 3.76 4.45
N VAL B 241 -25.16 3.52 5.33
CA VAL B 241 -25.36 2.81 6.59
C VAL B 241 -24.78 3.69 7.68
N SER B 242 -25.60 4.02 8.68
CA SER B 242 -25.14 4.82 9.81
C SER B 242 -26.15 4.71 10.93
N THR B 243 -25.75 5.16 12.11
CA THR B 243 -26.70 5.49 13.16
C THR B 243 -27.55 6.69 12.75
N PRO B 244 -28.80 6.78 13.24
CA PRO B 244 -29.61 7.97 12.96
C PRO B 244 -28.98 9.26 13.50
N SER B 245 -28.31 9.18 14.64
CA SER B 245 -27.64 10.36 15.21
C SER B 245 -26.64 10.95 14.25
N PHE B 246 -25.88 10.11 13.58
CA PHE B 246 -24.89 10.58 12.62
C PHE B 246 -25.56 11.19 11.40
N MET B 247 -26.64 10.57 10.92
CA MET B 247 -27.39 11.13 9.81
C MET B 247 -27.86 12.54 10.15
N ASP B 248 -28.41 12.71 11.36
CA ASP B 248 -28.83 14.03 11.81
C ASP B 248 -27.71 15.05 11.61
N ILE B 249 -26.48 14.66 11.93
CA ILE B 249 -25.37 15.61 11.74
C ILE B 249 -25.14 15.86 10.25
N CYS B 250 -25.09 14.80 9.44
CA CYS B 250 -24.82 14.99 8.02
C CYS B 250 -25.90 15.84 7.36
N LEU B 251 -27.13 15.81 7.87
CA LEU B 251 -28.17 16.63 7.31
C LEU B 251 -27.94 18.11 7.59
N LEU B 252 -27.00 18.42 8.46
CA LEU B 252 -26.62 19.82 8.61
C LEU B 252 -25.83 20.36 7.44
N GLU B 253 -25.35 19.48 6.55
CA GLU B 253 -24.68 19.94 5.33
C GLU B 253 -25.70 20.16 4.24
N PRO B 254 -26.04 21.42 3.95
CA PRO B 254 -27.16 21.69 3.03
C PRO B 254 -26.97 21.11 1.63
N LYS B 255 -25.75 20.79 1.22
CA LYS B 255 -25.54 20.12 -0.05
C LYS B 255 -25.76 18.61 0.02
N PHE B 256 -26.25 18.08 1.16
CA PHE B 256 -26.51 16.65 1.27
C PHE B 256 -27.93 16.37 0.80
N ASN B 257 -28.07 16.26 -0.51
CA ASN B 257 -29.38 16.13 -1.13
C ASN B 257 -29.22 15.31 -2.41
N ALA B 258 -30.36 14.90 -2.99
CA ALA B 258 -30.30 14.00 -4.14
C ALA B 258 -29.79 14.69 -5.40
N GLU B 259 -29.72 16.03 -5.43
CA GLU B 259 -29.12 16.69 -6.59
C GLU B 259 -27.60 16.54 -6.58
N ASN B 260 -27.01 16.43 -5.38
CA ASN B 260 -25.57 16.24 -5.26
C ASN B 260 -25.17 14.78 -5.14
N LEU B 261 -26.06 13.92 -4.64
CA LEU B 261 -25.85 12.47 -4.56
C LEU B 261 -26.96 11.76 -5.34
N PRO B 262 -26.98 11.90 -6.67
CA PRO B 262 -28.00 11.16 -7.45
C PRO B 262 -27.89 9.65 -7.30
N THR B 263 -26.72 9.13 -6.97
CA THR B 263 -26.55 7.68 -6.91
C THR B 263 -27.19 7.05 -5.69
N LEU B 264 -27.54 7.85 -4.68
CA LEU B 264 -27.98 7.27 -3.42
C LEU B 264 -29.39 6.71 -3.58
N THR B 265 -29.56 5.43 -3.22
CA THR B 265 -30.85 4.74 -3.35
C THR B 265 -31.29 4.00 -2.10
N HIS B 266 -30.39 3.71 -1.16
CA HIS B 266 -30.75 3.02 0.08
C HIS B 266 -30.10 3.73 1.25
N PHE B 267 -30.90 4.03 2.27
CA PHE B 267 -30.43 4.47 3.58
C PHE B 267 -30.82 3.43 4.63
N LEU B 268 -29.82 2.84 5.30
CA LEU B 268 -30.07 1.82 6.31
C LEU B 268 -29.61 2.31 7.68
N PHE B 269 -30.53 2.36 8.64
CA PHE B 269 -30.24 2.81 9.99
C PHE B 269 -30.41 1.68 10.99
N CYS B 270 -29.66 1.78 12.09
CA CYS B 270 -29.75 0.79 13.16
C CYS B 270 -29.07 1.40 14.38
N GLY B 271 -29.42 0.87 15.56
CA GLY B 271 -28.70 1.10 16.78
C GLY B 271 -29.39 2.06 17.74
N GLU B 272 -30.21 2.97 17.21
CA GLU B 272 -30.87 4.02 17.98
C GLU B 272 -32.25 4.26 17.39
N GLU B 273 -33.06 5.02 18.12
CA GLU B 273 -34.34 5.44 17.57
C GLU B 273 -34.12 6.25 16.30
N LEU B 274 -34.85 5.88 15.24
CA LEU B 274 -35.00 6.72 14.06
C LEU B 274 -36.23 7.60 14.28
N THR B 275 -36.01 8.89 14.57
CA THR B 275 -37.16 9.75 14.82
C THR B 275 -37.91 10.02 13.52
N HIS B 276 -39.20 10.31 13.66
CA HIS B 276 -39.97 10.82 12.53
C HIS B 276 -39.32 12.06 11.91
N LYS B 277 -38.77 12.95 12.74
CA LYS B 277 -38.18 14.19 12.20
C LYS B 277 -37.02 13.86 11.27
N THR B 278 -36.15 12.96 11.70
CA THR B 278 -35.01 12.55 10.88
C THR B 278 -35.45 12.01 9.52
N ALA B 279 -36.39 11.06 9.54
CA ALA B 279 -36.78 10.37 8.31
C ALA B 279 -37.46 11.32 7.34
N ALA B 280 -38.41 12.13 7.83
CA ALA B 280 -39.06 13.10 6.96
C ALA B 280 -38.05 14.06 6.35
N THR B 281 -37.09 14.54 7.15
CA THR B 281 -36.07 15.46 6.60
C THR B 281 -35.28 14.78 5.50
N LEU B 282 -34.82 13.55 5.75
CA LEU B 282 -34.13 12.79 4.73
C LEU B 282 -35.04 12.48 3.55
N LYS B 283 -36.32 12.22 3.81
CA LYS B 283 -37.25 11.98 2.72
C LYS B 283 -37.45 13.22 1.86
N LYS B 284 -37.40 14.41 2.46
CA LYS B 284 -37.48 15.63 1.66
C LYS B 284 -36.26 15.74 0.75
N ARG B 285 -35.06 15.49 1.27
CA ARG B 285 -33.83 15.67 0.51
C ARG B 285 -33.55 14.57 -0.51
N PHE B 286 -34.09 13.38 -0.32
CA PHE B 286 -33.87 12.26 -1.23
C PHE B 286 -35.22 11.61 -1.49
N PRO B 287 -36.06 12.23 -2.34
CA PRO B 287 -37.46 11.77 -2.45
C PRO B 287 -37.57 10.32 -2.90
N ASP B 288 -36.61 9.82 -3.67
CA ASP B 288 -36.76 8.52 -4.32
C ASP B 288 -35.97 7.41 -3.63
N ALA B 289 -35.29 7.71 -2.53
CA ALA B 289 -34.48 6.69 -1.86
C ALA B 289 -35.33 5.85 -0.92
N ARG B 290 -34.85 4.63 -0.66
CA ARG B 290 -35.53 3.69 0.22
C ARG B 290 -34.89 3.76 1.60
N ILE B 291 -35.66 4.29 2.56
CA ILE B 291 -35.22 4.43 3.95
C ILE B 291 -35.63 3.20 4.73
N PHE B 292 -34.71 2.65 5.52
CA PHE B 292 -35.00 1.47 6.34
C PHE B 292 -34.66 1.69 7.79
N ASN B 293 -35.61 1.40 8.67
CA ASN B 293 -35.37 1.29 10.09
C ASN B 293 -35.12 -0.17 10.40
N THR B 294 -34.02 -0.44 11.12
CA THR B 294 -33.72 -1.80 11.57
C THR B 294 -33.31 -1.79 13.03
N TYR B 295 -33.28 -2.99 13.60
CA TYR B 295 -32.99 -3.16 15.01
C TYR B 295 -32.50 -4.59 15.23
N GLY B 296 -31.57 -4.74 16.18
CA GLY B 296 -31.28 -6.05 16.73
C GLY B 296 -30.02 -6.05 17.57
N PRO B 297 -30.03 -6.81 18.67
CA PRO B 297 -28.85 -6.83 19.53
C PRO B 297 -27.67 -7.45 18.80
N THR B 298 -26.46 -7.02 19.19
CA THR B 298 -25.24 -7.61 18.68
C THR B 298 -25.24 -9.13 18.82
N GLU B 299 -25.83 -9.62 19.91
CA GLU B 299 -25.82 -11.03 20.26
C GLU B 299 -26.58 -11.90 19.28
N THR B 300 -27.41 -11.31 18.38
CA THR B 300 -28.08 -12.06 17.32
C THR B 300 -27.68 -11.57 15.93
N CYS B 301 -26.49 -10.94 15.84
CA CYS B 301 -25.82 -10.48 14.63
C CYS B 301 -26.53 -9.31 13.93
N VAL B 302 -26.10 -8.09 14.30
CA VAL B 302 -26.30 -6.84 13.54
C VAL B 302 -27.74 -6.36 13.61
N ALA B 303 -28.68 -7.16 13.10
CA ALA B 303 -30.08 -6.73 13.01
C ALA B 303 -30.97 -7.93 12.74
N VAL B 304 -32.16 -7.93 13.36
CA VAL B 304 -33.14 -8.98 13.10
C VAL B 304 -34.49 -8.46 12.63
N THR B 305 -34.72 -7.15 12.58
CA THR B 305 -35.96 -6.64 12.00
C THR B 305 -35.67 -5.46 11.08
N GLN B 306 -36.68 -5.15 10.25
CA GLN B 306 -36.61 -4.04 9.30
C GLN B 306 -38.02 -3.62 8.95
N ILE B 307 -38.18 -2.32 8.67
CA ILE B 307 -39.36 -1.81 7.98
C ILE B 307 -38.90 -0.68 7.08
N GLU B 308 -39.37 -0.70 5.84
CA GLU B 308 -39.10 0.38 4.90
C GLU B 308 -39.94 1.59 5.31
N ILE B 309 -39.28 2.73 5.49
CA ILE B 309 -39.96 3.96 5.91
C ILE B 309 -40.39 4.65 4.62
N THR B 310 -41.49 4.16 4.05
CA THR B 310 -42.03 4.72 2.82
C THR B 310 -42.72 6.07 3.11
N ASP B 311 -43.14 6.77 2.03
CA ASP B 311 -43.99 7.93 2.23
C ASP B 311 -45.20 7.58 3.07
N ALA B 312 -45.80 6.41 2.79
CA ALA B 312 -47.01 6.01 3.50
C ALA B 312 -46.70 5.69 4.96
N ALA B 313 -45.58 5.02 5.21
CA ALA B 313 -45.16 4.80 6.59
C ALA B 313 -45.03 6.12 7.34
N LEU B 314 -44.47 7.15 6.71
CA LEU B 314 -44.39 8.45 7.38
C LEU B 314 -45.75 9.09 7.60
N ALA B 315 -46.70 8.87 6.67
CA ALA B 315 -48.03 9.42 6.90
C ALA B 315 -48.79 8.67 7.99
N GLN B 316 -48.56 7.36 8.12
CA GLN B 316 -49.32 6.50 9.05
C GLN B 316 -48.80 6.61 10.49
N TYR B 317 -47.49 6.68 10.68
CA TYR B 317 -46.90 6.52 12.00
C TYR B 317 -46.35 7.85 12.49
N ASP B 318 -46.44 8.06 13.81
CA ASP B 318 -45.69 9.13 14.43
C ASP B 318 -44.35 8.53 14.87
N ARG B 319 -44.36 7.78 15.95
CA ARG B 319 -43.20 7.01 16.33
C ARG B 319 -42.96 5.90 15.30
N LEU B 320 -41.74 5.78 14.84
CA LEU B 320 -41.44 4.77 13.83
C LEU B 320 -41.35 3.38 14.46
N PRO B 321 -42.08 2.40 13.94
CA PRO B 321 -41.88 1.01 14.39
C PRO B 321 -40.49 0.52 13.99
N ILE B 322 -40.05 -0.56 14.63
CA ILE B 322 -38.74 -1.15 14.30
C ILE B 322 -38.86 -2.29 13.30
N GLY B 323 -40.06 -2.76 12.99
CA GLY B 323 -40.25 -3.53 11.77
C GLY B 323 -40.69 -4.97 11.89
N TYR B 324 -40.37 -5.76 10.86
CA TYR B 324 -40.78 -7.15 10.76
C TYR B 324 -39.59 -8.07 10.89
N ALA B 325 -39.83 -9.27 11.40
CA ALA B 325 -38.74 -10.19 11.67
C ALA B 325 -38.06 -10.62 10.38
N LYS B 326 -36.73 -10.75 10.47
CA LYS B 326 -35.92 -11.65 9.63
C LYS B 326 -36.64 -12.98 9.43
N ALA B 327 -36.80 -13.37 8.17
CA ALA B 327 -37.58 -14.56 7.83
C ALA B 327 -37.15 -15.80 8.62
N ASP B 328 -35.85 -16.03 8.76
CA ASP B 328 -35.38 -17.25 9.42
C ASP B 328 -35.36 -17.14 10.93
N THR B 329 -35.78 -16.02 11.47
CA THR B 329 -35.61 -15.72 12.88
C THR B 329 -36.98 -15.57 13.51
N ARG B 330 -37.17 -16.23 14.64
CA ARG B 330 -38.36 -16.09 15.47
C ARG B 330 -38.12 -14.96 16.47
N ILE B 331 -39.12 -14.10 16.66
CA ILE B 331 -39.07 -13.07 17.70
C ILE B 331 -40.38 -13.13 18.46
N LEU B 332 -40.29 -13.26 19.77
CA LEU B 332 -41.44 -13.30 20.65
C LEU B 332 -41.40 -12.14 21.63
N VAL B 333 -42.57 -11.76 22.11
CA VAL B 333 -42.74 -10.84 23.24
C VAL B 333 -43.28 -11.64 24.42
N VAL B 334 -42.49 -11.78 25.50
CA VAL B 334 -42.83 -12.65 26.62
C VAL B 334 -42.91 -11.86 27.93
N ASP B 335 -43.67 -12.41 28.87
CA ASP B 335 -43.80 -11.83 30.21
C ASP B 335 -42.64 -12.28 31.09
N GLU B 336 -42.72 -11.95 32.38
CA GLU B 336 -41.64 -12.27 33.32
C GLU B 336 -41.45 -13.77 33.53
N ASN B 337 -42.44 -14.59 33.18
CA ASN B 337 -42.30 -16.05 33.25
C ASN B 337 -41.87 -16.66 31.92
N GLY B 338 -41.50 -15.83 30.95
CA GLY B 338 -41.09 -16.36 29.66
C GLY B 338 -42.23 -16.80 28.77
N GLU B 339 -43.46 -16.49 29.14
CA GLU B 339 -44.64 -16.95 28.43
C GLU B 339 -45.17 -15.84 27.54
N ALA B 340 -45.39 -16.18 26.27
CA ALA B 340 -45.79 -15.20 25.25
C ALA B 340 -47.00 -14.40 25.72
N VAL B 341 -47.05 -13.15 25.29
CA VAL B 341 -48.13 -12.22 25.67
C VAL B 341 -49.01 -11.97 24.45
N PRO B 342 -50.27 -11.60 24.63
CA PRO B 342 -51.09 -11.23 23.47
C PRO B 342 -50.47 -10.08 22.69
N ASN B 343 -50.62 -10.15 21.37
CA ASN B 343 -50.20 -9.07 20.50
C ASN B 343 -50.76 -7.74 21.00
N GLY B 344 -49.90 -6.72 20.99
CA GLY B 344 -50.23 -5.41 21.48
C GLY B 344 -49.81 -5.15 22.92
N THR B 345 -49.67 -6.21 23.71
CA THR B 345 -49.17 -6.11 25.07
C THR B 345 -47.64 -6.15 25.05
N GLU B 346 -47.03 -5.37 25.95
CA GLU B 346 -45.58 -5.26 26.02
C GLU B 346 -44.95 -6.40 26.82
N GLY B 347 -43.67 -6.62 26.54
CA GLY B 347 -42.86 -7.61 27.22
C GLY B 347 -41.48 -7.61 26.61
N GLU B 348 -40.64 -8.52 27.09
CA GLU B 348 -39.28 -8.61 26.58
C GLU B 348 -39.31 -9.27 25.20
N LEU B 349 -38.46 -8.77 24.30
CA LEU B 349 -38.23 -9.38 22.99
C LEU B 349 -37.28 -10.56 23.13
N ILE B 350 -37.76 -11.75 22.76
CA ILE B 350 -36.93 -12.95 22.75
C ILE B 350 -36.58 -13.25 21.30
N ILE B 351 -35.33 -13.57 21.02
CA ILE B 351 -34.88 -13.83 19.65
C ILE B 351 -34.26 -15.22 19.59
N ALA B 352 -34.78 -16.09 18.72
CA ALA B 352 -34.30 -17.45 18.50
C ALA B 352 -34.13 -17.74 17.02
N GLY B 353 -33.02 -18.39 16.65
CA GLY B 353 -32.74 -18.66 15.26
C GLY B 353 -31.26 -18.77 14.94
N PRO B 354 -30.93 -19.07 13.67
CA PRO B 354 -29.55 -19.42 13.31
C PRO B 354 -28.53 -18.29 13.46
N SER B 355 -28.93 -17.05 13.64
CA SER B 355 -27.97 -15.96 13.83
C SER B 355 -27.61 -15.72 15.29
N VAL B 356 -28.13 -16.51 16.22
CA VAL B 356 -27.92 -16.25 17.63
C VAL B 356 -26.53 -16.71 18.01
N SER B 357 -25.80 -15.86 18.72
CA SER B 357 -24.44 -16.14 19.16
C SER B 357 -24.39 -17.36 20.08
N LYS B 358 -23.31 -18.13 19.98
CA LYS B 358 -23.02 -19.16 20.97
C LYS B 358 -22.80 -18.57 22.36
N GLY B 359 -22.45 -17.27 22.47
CA GLY B 359 -22.39 -16.65 23.78
C GLY B 359 -21.18 -15.74 23.94
N TYR B 360 -20.95 -15.31 25.18
CA TYR B 360 -19.92 -14.31 25.49
C TYR B 360 -18.58 -14.97 25.78
N LEU B 361 -17.56 -14.59 25.02
CA LEU B 361 -16.24 -15.22 25.10
C LEU B 361 -15.67 -15.15 26.52
N ASN B 362 -15.30 -16.31 27.06
CA ASN B 362 -14.65 -16.41 28.38
C ASN B 362 -15.49 -15.77 29.48
N ASN B 363 -16.81 -15.82 29.34
CA ASN B 363 -17.73 -15.24 30.31
C ASN B 363 -18.96 -16.13 30.38
N PRO B 364 -18.85 -17.28 31.06
CA PRO B 364 -20.00 -18.20 31.09
C PRO B 364 -21.17 -17.66 31.89
N GLU B 365 -20.90 -16.89 32.95
CA GLU B 365 -21.98 -16.42 33.81
C GLU B 365 -22.94 -15.49 33.06
N LYS B 366 -22.40 -14.54 32.29
CA LYS B 366 -23.27 -13.69 31.48
C LYS B 366 -23.96 -14.48 30.38
N THR B 367 -23.25 -15.46 29.80
CA THR B 367 -23.86 -16.30 28.77
C THR B 367 -25.04 -17.06 29.34
N ALA B 368 -24.83 -17.72 30.49
CA ALA B 368 -25.92 -18.44 31.14
C ALA B 368 -27.04 -17.52 31.58
N LYS B 369 -26.72 -16.26 31.91
CA LYS B 369 -27.76 -15.28 32.21
C LYS B 369 -28.69 -15.08 31.02
N ALA B 370 -28.14 -14.95 29.82
CA ALA B 370 -28.86 -14.33 28.72
C ALA B 370 -29.23 -15.28 27.57
N PHE B 371 -28.63 -16.46 27.50
CA PHE B 371 -28.82 -17.41 26.40
C PHE B 371 -29.45 -18.69 26.91
N PHE B 372 -30.41 -19.19 26.15
CA PHE B 372 -31.15 -20.38 26.53
C PHE B 372 -31.66 -21.06 25.26
N GLU B 373 -32.28 -22.22 25.43
CA GLU B 373 -32.98 -22.92 24.35
C GLU B 373 -34.47 -22.55 24.36
N LEU B 374 -35.00 -22.22 23.19
CA LEU B 374 -36.45 -22.07 23.00
C LEU B 374 -36.90 -23.05 21.92
N ASP B 375 -37.68 -24.06 22.33
CA ASP B 375 -38.28 -25.02 21.40
C ASP B 375 -37.25 -25.60 20.43
N GLY B 376 -36.14 -26.07 21.01
CA GLY B 376 -35.07 -26.64 20.22
C GLY B 376 -34.19 -25.66 19.51
N GLN B 377 -34.30 -24.36 19.80
CA GLN B 377 -33.53 -23.37 19.07
C GLN B 377 -32.77 -22.48 20.04
N PRO B 378 -31.58 -22.02 19.64
CA PRO B 378 -30.83 -21.09 20.50
C PRO B 378 -31.54 -19.74 20.57
N ALA B 379 -31.69 -19.23 21.78
CA ALA B 379 -32.44 -18.02 22.01
C ALA B 379 -31.61 -17.03 22.82
N TYR B 380 -32.05 -15.77 22.81
CA TYR B 380 -31.35 -14.67 23.49
C TYR B 380 -32.38 -13.74 24.09
N HIS B 381 -32.20 -13.43 25.38
CA HIS B 381 -32.93 -12.41 26.13
C HIS B 381 -32.42 -11.05 25.70
N SER B 382 -33.19 -10.35 24.87
CA SER B 382 -32.70 -9.06 24.37
C SER B 382 -32.41 -8.10 25.51
N GLY B 383 -33.21 -8.14 26.56
CA GLY B 383 -33.27 -7.04 27.50
C GLY B 383 -34.12 -5.87 27.06
N ASP B 384 -34.74 -5.94 25.88
CA ASP B 384 -35.53 -4.82 25.37
C ASP B 384 -37.02 -5.09 25.54
N ILE B 385 -37.79 -4.04 25.82
CA ILE B 385 -39.25 -4.12 25.86
C ILE B 385 -39.79 -3.78 24.48
N GLY B 386 -40.83 -4.49 24.06
CA GLY B 386 -41.42 -4.23 22.76
C GLY B 386 -42.83 -4.76 22.69
N THR B 387 -43.49 -4.44 21.58
CA THR B 387 -44.80 -5.01 21.25
C THR B 387 -44.77 -5.59 19.84
N MET B 388 -45.67 -6.55 19.58
CA MET B 388 -45.90 -7.05 18.23
C MET B 388 -47.39 -7.01 17.96
N ASP B 389 -47.80 -6.42 16.83
CA ASP B 389 -49.20 -6.44 16.45
C ASP B 389 -49.49 -7.68 15.60
N ALA B 390 -50.76 -7.87 15.24
CA ALA B 390 -51.17 -9.08 14.53
C ALA B 390 -50.52 -9.21 13.17
N ASP B 391 -50.03 -8.13 12.59
CA ASP B 391 -49.36 -8.21 11.31
C ASP B 391 -47.89 -8.57 11.41
N GLY B 392 -47.36 -8.79 12.62
CA GLY B 392 -45.95 -9.04 12.82
C GLY B 392 -45.09 -7.83 13.06
N LEU B 393 -45.68 -6.62 13.09
CA LEU B 393 -44.91 -5.38 13.18
C LEU B 393 -44.42 -5.16 14.61
N PHE B 394 -43.11 -4.98 14.77
CA PHE B 394 -42.53 -4.79 16.09
C PHE B 394 -42.32 -3.30 16.38
N ARG B 395 -42.49 -2.94 17.66
CA ARG B 395 -42.22 -1.59 18.16
C ARG B 395 -41.28 -1.65 19.37
N TYR B 396 -40.23 -0.83 19.34
CA TYR B 396 -39.32 -0.72 20.46
C TYR B 396 -39.97 0.09 21.60
N ARG B 397 -39.94 -0.48 22.82
CA ARG B 397 -40.58 0.17 23.96
C ARG B 397 -39.63 0.53 25.11
N GLY B 398 -38.36 0.14 25.05
CA GLY B 398 -37.42 0.48 26.10
C GLY B 398 -36.67 -0.74 26.60
N ARG B 399 -36.14 -0.64 27.82
CA ARG B 399 -35.31 -1.68 28.42
C ARG B 399 -36.01 -2.29 29.63
N VAL B 400 -35.80 -3.59 29.81
CA VAL B 400 -36.51 -4.42 30.81
C VAL B 400 -36.46 -3.87 32.24
#